data_9FA9
#
_entry.id   9FA9
#
loop_
_entity.id
_entity.type
_entity.pdbx_description
1 polymer 'Capsid protein VP1'
2 polymer 'Capsid protein VP2'
3 polymer 'Capsid protein VP3'
4 polymer 'Capsid protein VP4'
5 non-polymer ~{N}-[(2-fluorophenyl)methyl]-4-[(4-methylpiperazin-1-yl)methyl]aniline
#
loop_
_entity_poly.entity_id
_entity_poly.type
_entity_poly.pdbx_seq_one_letter_code
_entity_poly.pdbx_strand_id
1 'polypeptide(L)'
;GDVEEAIERAVVHVADTMRSGPSNSASVPALTAVETGHTSQVTPSDTMQTRHVKNYHSRSESTVENFLGRSACVYMEEYK
TTDNDVNKKFVAWPINTKQMVQMRRKLEMFTYLRFDMEVTFVITSRQDPGTTLAQDMPVLTHQIMYVPPGGPIPAKVDDY
AWQTSTNPSIFWTEGNAPARMSIPFISIGNAYSNFYDGWSNFDQRGSYGYNTLNNLGHIYVRHVSGSSPHPITSTIRVYF
KPKHTRAWVPRPPRLCQYKKAFSVDFTPTPITDTRKDINTVTT
;
A
2 'polypeptide(L)'
;SPTVEECGYSDRVRSITLGNSTITTQECANVVVGYGRWPTYLRDDEATAEDQPTQPDVATCRFYTLDSIKWEKGSVGWWW
KFPEALSDMGLFGQNMQYHYLGRAGYTIHVQCNASKFHQGCLLVVCVPEAEMGGAVVGQAFSATAMANGDKAYEFTSATQ
SDQTKVQTAIHNAGMGVGVGNLTIYPHQWINLRTNNSATIVMPYINSVPMDNMFRHYNFTLMVIPFVKLDYADTASTYVP
ITVTVAPMCAEYNGLRLAQAQ
;
B
3 'polypeptide(L)'
;GLPTMNTPGSTQFLTSDDFQSPCALPQFDVTPSMNIPGEVKNLMEIAEVDSVVPVNNVQDTTDQMEMFRIPVTINAPLQQ
QVFGLRLQPGLDSVFKHTLLGEILNYYAHWSGSMKLTFVFCGSAMATGKFLIAYSPPGANPPKTRKDAMLGTHIIWDIGL
QSSCVLCVPWISQTHYRLVQQDEYTSAGYVTCWYQTGMIVPPGTPNSSSIMCFASACNDFSVRMLRDTPFISQDNKLQ
;
C
4 'polypeptide(L)' GAQVSTQKTGAHETSLSAAGNSIIHYTNINYYKDAASNSANRQDFTQDPSKFTEPVKDVMIKSLPALN D
#
loop_
_chem_comp.id
_chem_comp.type
_chem_comp.name
_chem_comp.formula
A1IBS non-polymer ~{N}-[(2-fluorophenyl)methyl]-4-[(4-methylpiperazin-1-yl)methyl]aniline 'C19 H24 F N3'
#
# COMPACT_ATOMS: atom_id res chain seq x y z
N GLY A 1 -23.06 -24.92 29.36
CA GLY A 1 -24.16 -23.95 29.54
C GLY A 1 -23.71 -22.79 30.41
N ASP A 2 -23.28 -23.06 31.64
CA ASP A 2 -22.76 -22.02 32.56
C ASP A 2 -21.42 -21.52 32.02
N VAL A 3 -20.72 -22.35 31.24
CA VAL A 3 -19.38 -22.00 30.68
C VAL A 3 -19.19 -22.80 29.40
N GLU A 4 -18.64 -22.18 28.35
CA GLU A 4 -18.40 -22.82 27.05
C GLU A 4 -17.01 -22.40 26.59
N GLU A 5 -16.04 -23.31 26.60
CA GLU A 5 -14.63 -22.98 26.26
C GLU A 5 -14.50 -22.68 24.77
N ALA A 6 -13.42 -22.01 24.35
CA ALA A 6 -13.18 -21.61 22.95
C ALA A 6 -11.82 -22.15 22.50
N VAL A 11 0.48 -19.11 18.54
CA VAL A 11 -0.19 -20.39 18.33
C VAL A 11 0.18 -20.94 16.96
N VAL A 12 0.50 -20.04 16.03
CA VAL A 12 0.92 -20.40 14.65
C VAL A 12 2.31 -19.79 14.48
N HIS A 13 3.35 -20.48 14.95
CA HIS A 13 4.74 -19.96 14.90
C HIS A 13 5.24 -19.86 13.46
N VAL A 14 6.31 -19.09 13.25
CA VAL A 14 6.93 -18.93 11.91
C VAL A 14 7.51 -20.28 11.48
N ALA A 15 7.77 -20.48 10.18
CA ALA A 15 8.25 -21.77 9.64
C ALA A 15 9.65 -22.12 10.15
N ASP A 16 9.92 -23.37 10.51
CA ASP A 16 11.21 -23.80 11.10
C ASP A 16 12.25 -24.11 10.02
N THR A 17 13.54 -23.88 10.28
CA THR A 17 14.63 -24.23 9.34
C THR A 17 14.83 -25.74 9.41
N MET A 18 15.29 -26.38 8.33
CA MET A 18 15.49 -27.85 8.28
C MET A 18 16.92 -28.17 7.84
N ARG A 19 17.53 -29.18 8.45
CA ARG A 19 18.93 -29.57 8.15
C ARG A 19 19.10 -29.74 6.65
N SER A 20 20.12 -29.12 6.05
CA SER A 20 20.43 -29.24 4.60
C SER A 20 21.91 -29.61 4.45
N GLY A 21 22.24 -30.60 3.61
CA GLY A 21 23.62 -31.06 3.39
C GLY A 21 24.15 -30.63 2.04
N PRO A 22 25.36 -31.06 1.64
CA PRO A 22 25.90 -30.73 0.33
C PRO A 22 25.03 -31.29 -0.78
N SER A 23 24.98 -30.57 -1.89
CA SER A 23 24.16 -30.97 -3.03
C SER A 23 24.90 -30.69 -4.33
N ASN A 24 24.62 -31.52 -5.33
CA ASN A 24 25.17 -31.33 -6.67
C ASN A 24 24.20 -31.99 -7.65
N SER A 25 23.38 -31.17 -8.30
CA SER A 25 22.32 -31.69 -9.16
C SER A 25 21.95 -30.62 -10.17
N ALA A 26 21.02 -30.98 -11.06
CA ALA A 26 20.57 -30.06 -12.09
C ALA A 26 19.56 -29.05 -11.59
N SER A 27 18.93 -29.30 -10.44
CA SER A 27 17.99 -28.34 -9.89
C SER A 27 18.70 -27.06 -9.51
N VAL A 28 18.07 -25.92 -9.83
CA VAL A 28 18.68 -24.62 -9.59
C VAL A 28 17.68 -23.70 -8.90
N PRO A 29 17.39 -23.91 -7.61
CA PRO A 29 16.44 -23.02 -6.93
C PRO A 29 16.86 -21.57 -6.94
N ALA A 30 18.15 -21.29 -6.95
CA ALA A 30 18.61 -19.91 -6.88
C ALA A 30 18.20 -19.11 -8.11
N LEU A 31 18.18 -19.75 -9.29
CA LEU A 31 17.87 -19.06 -10.53
C LEU A 31 16.36 -18.99 -10.71
N THR A 32 15.86 -17.81 -11.10
CA THR A 32 14.44 -17.61 -11.34
C THR A 32 14.30 -16.52 -12.41
N ALA A 33 13.07 -16.02 -12.55
CA ALA A 33 12.79 -14.96 -13.54
C ALA A 33 11.73 -14.05 -12.95
N VAL A 34 12.13 -12.81 -12.62
CA VAL A 34 11.20 -11.85 -12.04
C VAL A 34 10.21 -11.31 -13.05
N GLU A 35 10.42 -11.55 -14.34
CA GLU A 35 9.51 -11.03 -15.35
C GLU A 35 8.10 -11.56 -15.18
N THR A 36 7.95 -12.73 -14.56
CA THR A 36 6.62 -13.30 -14.35
C THR A 36 5.80 -12.54 -13.32
N GLY A 37 6.40 -11.60 -12.61
CA GLY A 37 5.70 -10.95 -11.52
C GLY A 37 5.54 -11.83 -10.29
N HIS A 38 6.35 -12.89 -10.19
CA HIS A 38 6.26 -13.86 -9.12
C HIS A 38 7.48 -13.72 -8.22
N THR A 39 7.25 -13.58 -6.92
CA THR A 39 8.33 -13.46 -5.95
C THR A 39 8.85 -14.84 -5.59
N SER A 40 10.16 -15.01 -5.67
CA SER A 40 10.75 -16.32 -5.42
C SER A 40 10.46 -16.76 -3.99
N GLN A 41 10.26 -18.08 -3.82
CA GLN A 41 9.96 -18.65 -2.53
C GLN A 41 11.14 -19.40 -1.94
N VAL A 42 12.36 -19.06 -2.35
CA VAL A 42 13.53 -19.76 -1.85
C VAL A 42 13.73 -19.44 -0.36
N THR A 43 14.47 -20.31 0.31
CA THR A 43 14.79 -20.22 1.72
C THR A 43 16.28 -20.45 1.89
N PRO A 44 16.86 -20.00 3.00
CA PRO A 44 18.31 -20.17 3.17
C PRO A 44 18.74 -21.62 3.09
N SER A 45 17.86 -22.56 3.42
CA SER A 45 18.20 -23.97 3.33
C SER A 45 18.50 -24.41 1.92
N ASP A 46 18.09 -23.63 0.91
CA ASP A 46 18.22 -24.03 -0.48
C ASP A 46 19.50 -23.55 -1.14
N THR A 47 20.36 -22.82 -0.42
CA THR A 47 21.59 -22.29 -1.01
C THR A 47 22.81 -22.49 -0.15
N MET A 48 22.65 -22.96 1.09
CA MET A 48 23.77 -23.13 2.02
C MET A 48 23.42 -24.24 2.98
N GLN A 49 24.40 -24.94 3.51
CA GLN A 49 24.15 -25.95 4.54
C GLN A 49 23.62 -25.26 5.80
N THR A 50 22.60 -25.86 6.40
CA THR A 50 21.96 -25.28 7.57
C THR A 50 21.69 -26.36 8.61
N ARG A 51 21.60 -25.93 9.86
CA ARG A 51 21.26 -26.81 10.96
C ARG A 51 19.74 -26.80 11.18
N HIS A 52 19.27 -27.73 11.98
CA HIS A 52 17.85 -27.77 12.34
C HIS A 52 17.59 -26.76 13.44
N VAL A 53 16.60 -25.90 13.23
CA VAL A 53 16.25 -24.85 14.17
C VAL A 53 14.74 -24.84 14.36
N LYS A 54 14.30 -24.76 15.61
CA LYS A 54 12.89 -24.62 15.94
C LYS A 54 12.61 -23.17 16.29
N ASN A 55 11.69 -22.54 15.55
CA ASN A 55 11.34 -21.15 15.75
C ASN A 55 10.05 -21.06 16.54
N TYR A 56 10.08 -20.28 17.62
CA TYR A 56 8.89 -19.99 18.41
C TYR A 56 8.40 -18.57 18.20
N HIS A 57 9.02 -17.82 17.30
CA HIS A 57 8.53 -16.48 16.99
C HIS A 57 7.15 -16.55 16.37
N SER A 58 6.32 -15.57 16.67
CA SER A 58 4.98 -15.49 16.12
C SER A 58 4.73 -14.09 15.58
N ARG A 59 3.86 -14.01 14.59
CA ARG A 59 3.51 -12.75 13.93
C ARG A 59 2.25 -12.14 14.51
N SER A 60 2.01 -12.33 15.80
CA SER A 60 0.77 -11.87 16.41
C SER A 60 0.67 -10.35 16.32
N GLU A 61 1.76 -9.64 16.54
CA GLU A 61 1.72 -8.19 16.63
C GLU A 61 1.65 -7.51 15.26
N SER A 62 1.75 -8.25 14.17
CA SER A 62 1.69 -7.68 12.84
C SER A 62 0.30 -7.75 12.21
N THR A 63 -0.68 -8.31 12.91
CA THR A 63 -2.02 -8.40 12.36
C THR A 63 -2.62 -7.02 12.16
N VAL A 64 -3.48 -6.89 11.15
CA VAL A 64 -4.11 -5.60 10.89
C VAL A 64 -4.95 -5.17 12.10
N GLU A 65 -5.58 -6.13 12.77
CA GLU A 65 -6.37 -5.80 13.95
C GLU A 65 -5.52 -5.09 14.99
N ASN A 66 -4.33 -5.61 15.28
CA ASN A 66 -3.45 -4.98 16.24
C ASN A 66 -2.77 -3.75 15.67
N PHE A 67 -2.45 -3.75 14.37
CA PHE A 67 -1.76 -2.62 13.79
C PHE A 67 -2.59 -1.35 13.88
N LEU A 68 -3.89 -1.45 13.60
CA LEU A 68 -4.79 -0.31 13.65
C LEU A 68 -5.51 -0.16 14.99
N GLY A 69 -5.33 -1.10 15.90
CA GLY A 69 -6.05 -1.07 17.17
C GLY A 69 -5.41 -0.21 18.22
N ARG A 70 -5.12 1.05 17.88
CA ARG A 70 -4.55 2.00 18.83
C ARG A 70 -5.27 3.34 18.67
N SER A 71 -5.69 3.92 19.78
CA SER A 71 -6.40 5.20 19.74
C SER A 71 -5.43 6.30 19.31
N ALA A 72 -5.90 7.17 18.41
CA ALA A 72 -5.08 8.27 17.92
C ALA A 72 -5.91 9.52 17.82
N CYS A 73 -5.32 10.65 18.19
CA CYS A 73 -6.01 11.93 18.09
C CYS A 73 -6.29 12.27 16.63
N VAL A 74 -7.47 12.84 16.39
CA VAL A 74 -7.88 13.20 15.03
C VAL A 74 -8.31 14.65 14.91
N TYR A 75 -8.52 15.36 16.02
CA TYR A 75 -8.96 16.74 15.94
C TYR A 75 -8.91 17.37 17.33
N MET A 76 -8.51 18.63 17.38
CA MET A 76 -8.48 19.39 18.65
C MET A 76 -8.92 20.81 18.35
N GLU A 77 -9.71 21.42 19.24
CA GLU A 77 -10.26 22.76 19.02
C GLU A 77 -10.51 23.40 20.38
N GLU A 78 -10.61 24.72 20.38
CA GLU A 78 -10.78 25.51 21.59
C GLU A 78 -12.05 26.33 21.51
N TYR A 79 -12.76 26.41 22.63
CA TYR A 79 -13.95 27.24 22.73
C TYR A 79 -13.99 27.87 24.12
N LYS A 80 -14.56 29.06 24.19
CA LYS A 80 -14.60 29.83 25.43
C LYS A 80 -16.00 29.78 26.04
N THR A 81 -16.04 29.90 27.37
CA THR A 81 -17.33 29.90 28.06
C THR A 81 -18.09 31.20 27.81
N THR A 82 -17.38 32.31 27.70
CA THR A 82 -18.00 33.60 27.46
C THR A 82 -17.11 34.45 26.57
N ASP A 83 -17.72 35.13 25.61
CA ASP A 83 -16.98 36.00 24.70
C ASP A 83 -17.99 36.80 23.88
N ASN A 84 -17.48 37.82 23.19
CA ASN A 84 -18.35 38.66 22.36
C ASN A 84 -18.76 37.94 21.08
N ASP A 85 -17.83 37.23 20.44
CA ASP A 85 -18.13 36.54 19.21
C ASP A 85 -18.94 35.27 19.49
N VAL A 86 -20.14 35.19 18.91
CA VAL A 86 -21.00 34.04 19.15
C VAL A 86 -20.35 32.77 18.60
N ASN A 87 -19.73 32.87 17.43
CA ASN A 87 -19.14 31.69 16.80
C ASN A 87 -17.96 31.13 17.58
N LYS A 88 -17.42 31.86 18.54
CA LYS A 88 -16.24 31.46 19.27
C LYS A 88 -16.55 30.72 20.56
N LYS A 89 -17.82 30.50 20.87
CA LYS A 89 -18.23 29.85 22.11
C LYS A 89 -18.64 28.40 21.92
N PHE A 90 -18.48 27.85 20.72
CA PHE A 90 -18.81 26.44 20.48
C PHE A 90 -18.06 25.98 19.24
N VAL A 91 -18.01 24.65 19.08
CA VAL A 91 -17.26 24.04 18.00
C VAL A 91 -18.21 23.34 17.04
N ALA A 92 -17.81 23.28 15.77
CA ALA A 92 -18.59 22.61 14.74
C ALA A 92 -17.60 22.01 13.76
N TRP A 93 -17.44 20.68 13.82
CA TRP A 93 -16.41 19.99 13.05
C TRP A 93 -17.04 18.97 12.11
N PRO A 94 -16.85 19.08 10.81
CA PRO A 94 -17.26 17.98 9.91
C PRO A 94 -16.34 16.79 10.06
N ILE A 95 -16.93 15.62 10.32
CA ILE A 95 -16.12 14.44 10.63
C ILE A 95 -15.30 14.05 9.41
N ASN A 96 -14.01 13.80 9.64
CA ASN A 96 -13.12 13.31 8.60
C ASN A 96 -11.81 12.90 9.26
N THR A 97 -11.15 11.91 8.67
CA THR A 97 -9.94 11.33 9.23
C THR A 97 -8.67 11.86 8.59
N LYS A 98 -8.76 12.91 7.78
CA LYS A 98 -7.61 13.43 7.05
C LYS A 98 -6.94 14.60 7.75
N GLN A 99 -7.41 14.99 8.93
CA GLN A 99 -6.88 16.19 9.59
C GLN A 99 -5.49 15.96 10.18
N MET A 100 -5.28 14.82 10.84
CA MET A 100 -4.01 14.54 11.50
C MET A 100 -3.17 13.60 10.65
N VAL A 101 -1.88 13.91 10.56
CA VAL A 101 -1.02 13.27 9.58
C VAL A 101 -0.76 11.80 9.92
N GLN A 102 -0.46 11.50 11.18
CA GLN A 102 0.01 10.16 11.52
C GLN A 102 -1.07 9.12 11.23
N MET A 103 -2.27 9.31 11.77
CA MET A 103 -3.32 8.34 11.54
C MET A 103 -3.77 8.35 10.08
N ARG A 104 -3.69 9.51 9.43
CA ARG A 104 -4.00 9.56 8.01
C ARG A 104 -3.09 8.62 7.22
N ARG A 105 -1.78 8.70 7.46
CA ARG A 105 -0.86 7.81 6.78
C ARG A 105 -1.12 6.36 7.16
N LYS A 106 -1.39 6.10 8.44
CA LYS A 106 -1.67 4.72 8.84
C LYS A 106 -2.86 4.16 8.07
N LEU A 107 -3.94 4.93 7.96
CA LEU A 107 -5.11 4.45 7.26
C LEU A 107 -4.88 4.33 5.76
N GLU A 108 -4.12 5.26 5.19
CA GLU A 108 -3.93 5.31 3.75
C GLU A 108 -3.07 4.19 3.22
N MET A 109 -2.66 3.21 4.02
CA MET A 109 -1.95 2.06 3.47
C MET A 109 -2.90 1.04 2.86
N PHE A 110 -4.20 1.22 3.00
CA PHE A 110 -5.20 0.33 2.43
C PHE A 110 -6.24 1.14 1.67
N THR A 111 -6.78 0.55 0.62
CA THR A 111 -7.75 1.24 -0.22
C THR A 111 -9.15 1.20 0.37
N TYR A 112 -9.57 0.07 0.91
CA TYR A 112 -10.91 -0.08 1.48
C TYR A 112 -10.80 -0.65 2.88
N LEU A 113 -11.62 -0.12 3.79
CA LEU A 113 -11.62 -0.54 5.18
C LEU A 113 -13.05 -0.73 5.64
N ARG A 114 -13.21 -1.62 6.63
CA ARG A 114 -14.51 -1.90 7.24
C ARG A 114 -14.28 -2.26 8.69
N PHE A 115 -14.72 -1.40 9.61
CA PHE A 115 -14.42 -1.61 11.01
C PHE A 115 -15.45 -0.91 11.87
N ASP A 116 -15.59 -1.38 13.10
CA ASP A 116 -16.31 -0.65 14.13
C ASP A 116 -15.39 0.42 14.72
N MET A 117 -16.00 1.40 15.37
CA MET A 117 -15.26 2.55 15.89
C MET A 117 -15.54 2.71 17.39
N GLU A 118 -14.51 3.14 18.10
CA GLU A 118 -14.61 3.49 19.52
C GLU A 118 -14.09 4.91 19.68
N VAL A 119 -14.92 5.81 20.20
CA VAL A 119 -14.62 7.22 20.27
C VAL A 119 -14.44 7.60 21.74
N THR A 120 -13.36 8.31 22.04
CA THR A 120 -13.08 8.81 23.37
C THR A 120 -12.80 10.29 23.31
N PHE A 121 -13.30 11.04 24.28
CA PHE A 121 -13.18 12.49 24.32
C PHE A 121 -12.40 12.90 25.55
N VAL A 122 -11.40 13.77 25.35
CA VAL A 122 -10.60 14.32 26.43
C VAL A 122 -10.82 15.82 26.44
N ILE A 123 -11.25 16.36 27.58
CA ILE A 123 -11.60 17.76 27.72
C ILE A 123 -10.81 18.34 28.89
N THR A 124 -10.21 19.50 28.67
CA THR A 124 -9.49 20.21 29.73
C THR A 124 -9.83 21.69 29.64
N SER A 125 -9.69 22.38 30.77
CA SER A 125 -10.05 23.78 30.87
C SER A 125 -8.94 24.55 31.55
N ARG A 126 -8.88 25.86 31.27
CA ARG A 126 -7.90 26.73 31.89
C ARG A 126 -8.45 28.14 31.92
N GLN A 127 -8.05 28.90 32.94
CA GLN A 127 -8.50 30.27 33.08
C GLN A 127 -7.65 31.20 32.23
N ASP A 128 -8.30 32.05 31.45
CA ASP A 128 -7.59 32.97 30.60
C ASP A 128 -6.87 34.02 31.44
N PRO A 129 -5.71 34.48 30.99
CA PRO A 129 -5.00 35.52 31.74
C PRO A 129 -5.76 36.85 31.71
N GLY A 130 -5.56 37.64 32.74
CA GLY A 130 -6.22 38.92 32.83
C GLY A 130 -5.73 39.70 34.03
N THR A 131 -6.25 40.92 34.16
CA THR A 131 -5.87 41.79 35.26
C THR A 131 -6.53 41.39 36.57
N THR A 132 -7.65 40.67 36.53
CA THR A 132 -8.34 40.24 37.73
C THR A 132 -8.83 38.82 37.52
N LEU A 133 -8.35 37.90 38.36
CA LEU A 133 -8.67 36.49 38.23
C LEU A 133 -9.39 35.91 39.44
N ALA A 134 -9.60 36.69 40.50
CA ALA A 134 -10.21 36.18 41.71
C ALA A 134 -11.69 35.90 41.47
N GLN A 135 -12.05 34.62 41.43
CA GLN A 135 -13.45 34.23 41.29
C GLN A 135 -13.60 32.80 41.78
N ASP A 136 -14.85 32.43 42.05
CA ASP A 136 -15.19 31.07 42.46
C ASP A 136 -16.26 30.54 41.52
N MET A 137 -15.98 29.42 40.85
CA MET A 137 -16.93 28.83 39.87
C MET A 137 -17.07 27.34 40.19
N PRO A 138 -18.29 26.79 40.35
CA PRO A 138 -18.46 25.34 40.51
C PRO A 138 -17.92 24.57 39.33
N VAL A 139 -17.96 23.25 39.40
CA VAL A 139 -17.46 22.43 38.31
C VAL A 139 -18.26 22.70 37.04
N LEU A 140 -17.58 22.64 35.90
CA LEU A 140 -18.22 22.86 34.62
C LEU A 140 -18.79 21.56 34.06
N THR A 141 -19.72 21.70 33.11
CA THR A 141 -20.32 20.57 32.42
C THR A 141 -20.32 20.86 30.93
N HIS A 142 -20.16 19.81 30.13
CA HIS A 142 -20.05 19.94 28.69
C HIS A 142 -21.03 19.00 28.00
N GLN A 143 -21.48 19.41 26.82
CA GLN A 143 -22.41 18.63 26.01
C GLN A 143 -21.79 18.38 24.65
N ILE A 144 -21.83 17.12 24.22
CA ILE A 144 -21.35 16.73 22.89
C ILE A 144 -22.56 16.19 22.13
N MET A 145 -22.79 16.74 20.94
CA MET A 145 -23.95 16.39 20.13
C MET A 145 -23.50 15.96 18.74
N TYR A 146 -24.11 14.89 18.23
CA TYR A 146 -23.81 14.34 16.92
C TYR A 146 -24.99 14.55 16.01
N VAL A 147 -24.76 15.17 14.86
CA VAL A 147 -25.83 15.52 13.93
C VAL A 147 -25.60 14.77 12.61
N PRO A 148 -26.36 13.71 12.33
CA PRO A 148 -26.25 13.07 11.02
C PRO A 148 -26.51 14.07 9.91
N PRO A 149 -26.09 13.76 8.69
CA PRO A 149 -26.20 14.75 7.60
C PRO A 149 -27.64 15.16 7.38
N GLY A 150 -27.83 16.45 7.13
CA GLY A 150 -29.14 17.00 6.83
C GLY A 150 -29.94 17.47 8.03
N GLY A 151 -29.47 17.18 9.24
CA GLY A 151 -30.18 17.61 10.43
C GLY A 151 -29.98 19.08 10.72
N PRO A 152 -30.78 19.60 11.63
CA PRO A 152 -30.63 21.01 12.01
C PRO A 152 -29.31 21.26 12.70
N ILE A 153 -28.76 22.45 12.47
CA ILE A 153 -27.46 22.84 12.98
C ILE A 153 -27.65 24.06 13.89
N PRO A 154 -27.18 24.04 15.13
CA PRO A 154 -27.31 25.22 15.97
C PRO A 154 -26.48 26.38 15.45
N ALA A 155 -26.99 27.59 15.64
CA ALA A 155 -26.30 28.79 15.23
C ALA A 155 -25.74 29.60 16.40
N LYS A 156 -26.04 29.21 17.63
CA LYS A 156 -25.53 29.89 18.81
C LYS A 156 -25.57 28.92 19.98
N VAL A 157 -24.88 29.31 21.06
CA VAL A 157 -24.72 28.40 22.19
C VAL A 157 -26.06 28.04 22.81
N ASP A 158 -27.01 28.98 22.82
CA ASP A 158 -28.30 28.80 23.47
C ASP A 158 -29.41 28.60 22.44
N ASP A 159 -29.11 27.93 21.34
CA ASP A 159 -30.11 27.68 20.31
C ASP A 159 -31.04 26.55 20.75
N TYR A 160 -32.21 26.50 20.11
CA TYR A 160 -33.17 25.46 20.43
C TYR A 160 -32.68 24.08 20.03
N ALA A 161 -31.79 23.99 19.04
CA ALA A 161 -31.37 22.69 18.54
C ALA A 161 -30.65 21.87 19.61
N TRP A 162 -30.19 22.49 20.68
CA TRP A 162 -29.47 21.79 21.73
C TRP A 162 -30.37 20.93 22.61
N GLN A 163 -31.64 20.77 22.26
CA GLN A 163 -32.59 19.99 23.05
C GLN A 163 -32.80 18.61 22.46
N THR A 164 -31.71 18.01 21.97
CA THR A 164 -31.77 16.80 21.16
C THR A 164 -32.85 15.85 21.61
N SER A 165 -33.71 15.47 20.66
CA SER A 165 -34.73 14.45 20.91
C SER A 165 -34.43 13.15 20.20
N THR A 166 -33.66 13.19 19.12
CA THR A 166 -33.28 11.98 18.40
C THR A 166 -31.77 11.92 18.22
N ASN A 167 -31.13 13.08 18.15
CA ASN A 167 -29.68 13.11 18.00
C ASN A 167 -29.02 12.64 19.28
N PRO A 168 -28.16 11.62 19.24
CA PRO A 168 -27.48 11.20 20.45
C PRO A 168 -26.55 12.28 20.98
N SER A 169 -26.39 12.30 22.30
CA SER A 169 -25.55 13.30 22.94
C SER A 169 -25.01 12.74 24.25
N ILE A 170 -23.94 13.37 24.74
CA ILE A 170 -23.31 12.99 25.99
C ILE A 170 -23.11 14.24 26.84
N PHE A 171 -23.46 14.14 28.12
CA PHE A 171 -23.22 15.20 29.09
C PHE A 171 -22.12 14.72 30.03
N TRP A 172 -21.09 15.53 30.20
CA TRP A 172 -19.90 15.15 30.94
C TRP A 172 -19.52 16.25 31.92
N THR A 173 -19.05 15.84 33.10
CA THR A 173 -18.65 16.76 34.15
C THR A 173 -17.17 16.62 34.43
N GLU A 174 -16.48 17.75 34.59
CA GLU A 174 -15.05 17.72 34.79
C GLU A 174 -14.69 17.01 36.08
N GLY A 175 -13.53 16.34 36.07
CA GLY A 175 -13.04 15.59 37.20
C GLY A 175 -13.28 14.10 37.14
N ASN A 176 -14.10 13.64 36.20
CA ASN A 176 -14.39 12.22 36.06
C ASN A 176 -13.58 11.63 34.92
N ALA A 177 -13.81 10.36 34.62
CA ALA A 177 -13.10 9.71 33.54
C ALA A 177 -13.54 10.27 32.19
N PRO A 178 -12.70 10.19 31.17
CA PRO A 178 -13.10 10.68 29.84
C PRO A 178 -14.29 9.90 29.31
N ALA A 179 -15.13 10.60 28.55
CA ALA A 179 -16.30 9.98 27.96
C ALA A 179 -15.91 9.03 26.83
N ARG A 180 -16.75 8.03 26.61
CA ARG A 180 -16.47 7.01 25.60
C ARG A 180 -17.79 6.50 25.04
N MET A 181 -17.73 6.01 23.80
CA MET A 181 -18.89 5.45 23.13
C MET A 181 -18.40 4.54 22.01
N SER A 182 -19.33 3.76 21.46
CA SER A 182 -19.06 2.87 20.35
C SER A 182 -19.93 3.26 19.16
N ILE A 183 -19.39 3.07 17.96
CA ILE A 183 -20.10 3.40 16.73
C ILE A 183 -19.97 2.23 15.76
N PRO A 184 -21.07 1.71 15.22
CA PRO A 184 -20.96 0.61 14.26
C PRO A 184 -20.52 1.09 12.88
N PHE A 185 -20.51 0.19 11.91
CA PHE A 185 -20.14 0.52 10.54
C PHE A 185 -21.30 1.25 9.87
N ILE A 186 -21.12 2.55 9.60
CA ILE A 186 -22.22 3.41 9.21
C ILE A 186 -22.05 3.95 7.79
N SER A 187 -21.44 3.18 6.91
CA SER A 187 -21.26 3.62 5.53
C SER A 187 -22.37 3.06 4.66
N ILE A 188 -22.83 3.87 3.70
CA ILE A 188 -23.86 3.43 2.78
C ILE A 188 -23.33 2.31 1.90
N GLY A 189 -22.04 2.38 1.53
CA GLY A 189 -21.43 1.33 0.75
C GLY A 189 -21.07 0.13 1.59
N ASN A 190 -20.41 -0.84 0.95
CA ASN A 190 -19.98 -2.05 1.63
C ASN A 190 -18.67 -1.88 2.39
N ALA A 191 -18.01 -0.73 2.25
CA ALA A 191 -16.74 -0.51 2.93
C ALA A 191 -16.33 0.94 2.77
N TYR A 192 -15.63 1.45 3.76
CA TYR A 192 -15.07 2.79 3.66
C TYR A 192 -14.03 2.84 2.55
N SER A 193 -13.94 3.98 1.88
CA SER A 193 -12.99 4.19 0.80
C SER A 193 -12.10 5.37 1.12
N ASN A 194 -10.80 5.11 1.26
CA ASN A 194 -9.85 6.19 1.51
C ASN A 194 -9.60 7.02 0.26
N PHE A 195 -9.71 6.41 -0.92
CA PHE A 195 -9.47 7.08 -2.18
C PHE A 195 -10.65 6.89 -3.10
N TYR A 196 -10.88 7.86 -3.97
CA TYR A 196 -11.97 7.81 -4.95
C TYR A 196 -11.52 8.58 -6.19
N ASP A 197 -11.09 7.84 -7.21
CA ASP A 197 -10.67 8.45 -8.48
C ASP A 197 -11.89 8.62 -9.36
N GLY A 198 -12.59 9.73 -9.13
CA GLY A 198 -13.81 10.00 -9.89
C GLY A 198 -14.33 11.38 -9.57
N TRP A 199 -15.42 11.72 -10.24
CA TRP A 199 -16.05 13.03 -10.11
C TRP A 199 -17.42 12.88 -9.46
N SER A 200 -18.07 14.03 -9.24
CA SER A 200 -19.40 14.05 -8.64
C SER A 200 -20.49 14.02 -9.69
N ASN A 201 -20.39 14.86 -10.71
CA ASN A 201 -21.40 14.94 -11.78
C ASN A 201 -21.10 13.83 -12.77
N PHE A 202 -22.12 13.32 -13.47
CA PHE A 202 -21.96 12.20 -14.42
C PHE A 202 -21.24 12.70 -15.67
N ASP A 203 -21.15 14.01 -15.87
CA ASP A 203 -20.47 14.62 -17.04
C ASP A 203 -18.98 14.80 -16.75
N GLN A 204 -18.45 14.14 -15.69
CA GLN A 204 -17.00 14.20 -15.30
C GLN A 204 -16.65 15.65 -14.95
N ARG A 205 -17.41 16.26 -14.05
CA ARG A 205 -17.15 17.66 -13.60
C ARG A 205 -17.48 17.77 -12.11
N GLY A 206 -17.22 18.93 -11.50
CA GLY A 206 -17.53 19.17 -10.11
C GLY A 206 -16.43 18.75 -9.17
N SER A 207 -16.79 18.31 -7.97
CA SER A 207 -15.78 17.89 -7.00
C SER A 207 -15.07 16.63 -7.48
N TYR A 208 -13.79 16.53 -7.13
CA TYR A 208 -12.96 15.41 -7.52
C TYR A 208 -12.22 14.88 -6.30
N GLY A 209 -12.15 13.56 -6.19
CA GLY A 209 -11.37 12.92 -5.15
C GLY A 209 -12.21 12.43 -3.99
N TYR A 210 -11.55 12.06 -2.90
CA TYR A 210 -12.24 11.47 -1.73
C TYR A 210 -13.14 12.51 -1.05
N ASN A 211 -13.07 13.79 -1.41
CA ASN A 211 -13.99 14.76 -0.82
C ASN A 211 -15.44 14.46 -1.15
N THR A 212 -15.70 13.70 -2.22
CA THR A 212 -17.06 13.48 -2.67
C THR A 212 -17.81 12.51 -1.75
N LEU A 213 -17.13 11.55 -1.16
CA LEU A 213 -17.77 10.50 -0.38
C LEU A 213 -17.79 10.81 1.12
N ASN A 214 -17.43 12.01 1.53
CA ASN A 214 -17.40 12.38 2.93
C ASN A 214 -18.73 13.01 3.30
N ASN A 215 -19.62 12.21 3.90
CA ASN A 215 -20.94 12.68 4.31
C ASN A 215 -21.29 12.09 5.68
N LEU A 216 -20.33 12.13 6.61
CA LEU A 216 -20.52 11.49 7.90
C LEU A 216 -21.24 12.37 8.92
N GLY A 217 -21.35 13.66 8.69
CA GLY A 217 -22.08 14.54 9.58
C GLY A 217 -21.19 15.55 10.28
N HIS A 218 -21.65 15.98 11.45
CA HIS A 218 -20.96 17.00 12.23
C HIS A 218 -20.98 16.63 13.70
N ILE A 219 -20.14 17.33 14.47
CA ILE A 219 -20.10 17.21 15.92
C ILE A 219 -20.07 18.61 16.51
N TYR A 220 -20.88 18.84 17.54
CA TYR A 220 -20.96 20.13 18.20
C TYR A 220 -20.71 19.97 19.69
N VAL A 221 -20.07 20.98 20.28
CA VAL A 221 -19.73 20.96 21.70
C VAL A 221 -19.94 22.36 22.28
N ARG A 222 -20.35 22.40 23.54
CA ARG A 222 -20.60 23.66 24.22
C ARG A 222 -20.55 23.45 25.72
N HIS A 223 -20.41 24.55 26.46
CA HIS A 223 -20.61 24.53 27.89
C HIS A 223 -22.11 24.56 28.18
N VAL A 224 -22.58 23.61 29.00
CA VAL A 224 -24.01 23.44 29.18
C VAL A 224 -24.65 24.76 29.59
N SER A 225 -24.25 25.30 30.73
CA SER A 225 -24.76 26.59 31.17
C SER A 225 -23.71 27.47 31.83
N GLY A 226 -22.47 27.01 31.93
CA GLY A 226 -21.43 27.82 32.55
C GLY A 226 -21.22 29.13 31.83
N SER A 227 -21.22 30.23 32.58
CA SER A 227 -20.89 31.55 32.02
C SER A 227 -20.22 32.32 33.15
N SER A 228 -18.90 32.26 33.18
CA SER A 228 -18.14 32.83 34.28
C SER A 228 -18.07 34.35 34.16
N PRO A 229 -17.84 35.04 35.28
CA PRO A 229 -17.56 36.48 35.18
C PRO A 229 -16.35 36.80 34.33
N HIS A 230 -15.37 35.88 34.29
CA HIS A 230 -14.18 36.04 33.47
C HIS A 230 -14.07 34.88 32.48
N PRO A 231 -13.44 35.11 31.33
CA PRO A 231 -13.38 34.05 30.31
C PRO A 231 -12.66 32.81 30.82
N ILE A 232 -13.14 31.66 30.37
CA ILE A 232 -12.49 30.38 30.61
C ILE A 232 -12.44 29.64 29.27
N THR A 233 -11.28 29.10 28.93
CA THR A 233 -11.07 28.42 27.66
C THR A 233 -10.98 26.92 27.90
N SER A 234 -11.62 26.15 27.03
CA SER A 234 -11.62 24.70 27.09
C SER A 234 -11.14 24.13 25.76
N THR A 235 -10.52 22.96 25.83
CA THR A 235 -10.02 22.26 24.65
C THR A 235 -10.52 20.83 24.67
N ILE A 236 -10.90 20.33 23.51
CA ILE A 236 -11.41 18.97 23.35
C ILE A 236 -10.57 18.24 22.32
N ARG A 237 -10.21 17.00 22.65
CA ARG A 237 -9.46 16.14 21.75
C ARG A 237 -10.27 14.88 21.49
N VAL A 238 -10.33 14.47 20.23
CA VAL A 238 -11.13 13.33 19.79
C VAL A 238 -10.17 12.21 19.38
N TYR A 239 -10.43 11.01 19.86
CA TYR A 239 -9.59 9.85 19.59
C TYR A 239 -10.43 8.75 18.96
N PHE A 240 -9.91 8.17 17.88
CA PHE A 240 -10.57 7.07 17.17
C PHE A 240 -9.77 5.79 17.36
N LYS A 241 -10.48 4.67 17.49
CA LYS A 241 -9.85 3.37 17.72
C LYS A 241 -10.63 2.32 16.95
N PRO A 242 -10.19 1.96 15.75
CA PRO A 242 -10.91 0.94 14.98
C PRO A 242 -10.96 -0.40 15.70
N LYS A 243 -12.05 -1.13 15.52
CA LYS A 243 -12.22 -2.45 16.13
C LYS A 243 -12.76 -3.35 15.03
N HIS A 244 -12.50 -4.64 15.09
CA HIS A 244 -13.06 -5.64 14.19
C HIS A 244 -12.74 -5.30 12.73
N THR A 245 -11.48 -5.01 12.48
CA THR A 245 -11.08 -4.38 11.22
C THR A 245 -10.87 -5.42 10.12
N ARG A 246 -11.21 -5.01 8.89
CA ARG A 246 -10.89 -5.75 7.69
C ARG A 246 -10.38 -4.76 6.65
N ALA A 247 -9.41 -5.17 5.85
CA ALA A 247 -8.79 -4.29 4.87
C ALA A 247 -8.61 -5.02 3.55
N TRP A 248 -8.53 -4.25 2.47
CA TRP A 248 -8.38 -4.80 1.12
C TRP A 248 -7.44 -3.93 0.31
N VAL A 249 -6.78 -4.54 -0.67
CA VAL A 249 -6.00 -3.82 -1.66
C VAL A 249 -4.98 -2.90 -1.01
N PRO A 250 -3.86 -3.45 -0.49
CA PRO A 250 -2.80 -2.62 0.07
C PRO A 250 -2.23 -1.65 -0.96
N ARG A 251 -1.67 -0.52 -0.54
CA ARG A 251 -1.10 0.51 -1.44
C ARG A 251 0.30 0.86 -0.93
N PRO A 252 1.19 1.49 -1.72
CA PRO A 252 2.50 1.88 -1.20
C PRO A 252 2.35 3.02 -0.19
N PRO A 253 3.11 3.07 0.94
CA PRO A 253 3.05 4.21 1.86
C PRO A 253 3.37 5.54 1.16
N ARG A 254 2.80 6.64 1.64
CA ARG A 254 3.02 7.99 1.05
C ARG A 254 4.46 8.42 1.32
N LEU A 255 5.12 9.03 0.34
CA LEU A 255 6.52 9.49 0.47
C LEU A 255 6.56 11.00 0.73
N CYS A 256 5.66 11.79 0.13
CA CYS A 256 5.70 13.24 0.22
C CYS A 256 4.83 13.74 1.37
N GLN A 257 5.23 14.88 1.94
CA GLN A 257 4.49 15.45 3.05
C GLN A 257 3.11 15.90 2.60
N TYR A 258 2.13 15.75 3.48
CA TYR A 258 0.77 16.22 3.21
C TYR A 258 0.73 17.73 3.20
N LYS A 259 -0.18 18.27 2.39
CA LYS A 259 -0.34 19.72 2.30
C LYS A 259 -1.79 20.19 2.32
N LYS A 260 -2.76 19.33 2.05
CA LYS A 260 -4.17 19.70 2.08
C LYS A 260 -4.96 18.63 2.81
N ALA A 261 -6.03 19.06 3.47
CA ALA A 261 -6.87 18.15 4.24
C ALA A 261 -7.87 17.39 3.40
N PHE A 262 -8.12 17.83 2.16
CA PHE A 262 -9.12 17.19 1.32
C PHE A 262 -8.60 17.00 -0.11
N SER A 263 -7.30 16.77 -0.26
CA SER A 263 -6.72 16.59 -1.58
C SER A 263 -5.43 15.79 -1.43
N VAL A 264 -4.98 15.24 -2.56
CA VAL A 264 -3.73 14.49 -2.59
C VAL A 264 -2.56 15.36 -3.04
N ASP A 265 -2.78 16.66 -3.24
CA ASP A 265 -1.73 17.54 -3.75
C ASP A 265 -0.45 17.36 -2.95
N PHE A 266 0.69 17.56 -3.63
CA PHE A 266 1.99 17.34 -3.02
C PHE A 266 3.04 18.10 -3.81
N THR A 267 4.27 18.01 -3.34
CA THR A 267 5.43 18.55 -4.03
C THR A 267 6.44 17.43 -4.29
N PRO A 268 7.09 17.42 -5.46
CA PRO A 268 8.02 16.33 -5.74
C PRO A 268 9.13 16.26 -4.70
N THR A 269 9.51 15.02 -4.36
CA THR A 269 10.50 14.76 -3.32
C THR A 269 11.54 13.78 -3.84
N PRO A 270 12.79 13.89 -3.39
CA PRO A 270 13.78 12.89 -3.78
C PRO A 270 13.41 11.50 -3.26
N ILE A 271 13.85 10.49 -4.00
CA ILE A 271 13.51 9.11 -3.64
C ILE A 271 14.04 8.79 -2.25
N THR A 272 15.29 9.17 -1.97
CA THR A 272 15.92 8.88 -0.68
C THR A 272 17.16 9.75 -0.57
N ASP A 273 17.90 9.54 0.52
CA ASP A 273 19.10 10.32 0.78
C ASP A 273 20.27 9.79 -0.07
N THR A 274 21.36 10.54 -0.06
CA THR A 274 22.52 10.25 -0.88
C THR A 274 23.72 9.88 -0.01
N ARG A 275 24.72 9.28 -0.65
CA ARG A 275 25.98 8.93 -0.02
C ARG A 275 27.12 9.25 -0.97
N LYS A 276 28.35 9.14 -0.45
CA LYS A 276 29.51 9.60 -1.21
C LYS A 276 29.59 8.91 -2.57
N ASP A 277 29.52 7.58 -2.58
CA ASP A 277 29.59 6.84 -3.83
C ASP A 277 28.97 5.47 -3.62
N ILE A 278 28.90 4.69 -4.70
CA ILE A 278 28.27 3.39 -4.67
C ILE A 278 29.02 2.38 -3.82
N ASN A 279 30.29 2.63 -3.51
CA ASN A 279 31.09 1.71 -2.71
C ASN A 279 31.22 2.12 -1.25
N THR A 280 30.86 3.36 -0.90
CA THR A 280 30.99 3.80 0.48
C THR A 280 30.09 2.96 1.38
N VAL A 281 30.67 2.43 2.45
CA VAL A 281 29.95 1.56 3.37
C VAL A 281 30.19 2.00 4.81
N THR A 282 31.08 2.97 5.00
CA THR A 282 31.39 3.46 6.34
C THR A 282 30.33 4.45 6.81
N SER B 10 6.65 -26.09 -25.02
CA SER B 10 7.27 -24.87 -24.44
C SER B 10 6.24 -24.13 -23.58
N ASP B 11 6.69 -23.37 -22.57
CA ASP B 11 5.81 -22.56 -21.70
C ASP B 11 5.92 -21.11 -22.16
N ARG B 12 6.69 -20.84 -23.21
CA ARG B 12 6.92 -19.48 -23.75
C ARG B 12 5.92 -19.21 -24.86
N VAL B 13 4.94 -20.10 -25.07
CA VAL B 13 3.89 -19.92 -26.12
C VAL B 13 2.52 -19.85 -25.44
N ARG B 14 1.74 -18.80 -25.69
CA ARG B 14 0.44 -18.60 -25.09
C ARG B 14 -0.55 -18.20 -26.16
N SER B 15 -1.81 -18.61 -25.99
CA SER B 15 -2.88 -18.27 -26.91
C SER B 15 -4.13 -17.93 -26.12
N ILE B 16 -4.77 -16.83 -26.47
CA ILE B 16 -5.97 -16.35 -25.79
C ILE B 16 -7.05 -16.09 -26.83
N THR B 17 -8.26 -16.58 -26.58
CA THR B 17 -9.38 -16.45 -27.51
C THR B 17 -10.58 -15.87 -26.77
N LEU B 18 -10.96 -14.66 -27.14
CA LEU B 18 -12.14 -13.99 -26.60
C LEU B 18 -13.03 -13.57 -27.76
N GLY B 19 -14.30 -13.95 -27.70
CA GLY B 19 -15.22 -13.55 -28.76
C GLY B 19 -14.73 -14.02 -30.10
N ASN B 20 -14.70 -13.10 -31.08
CA ASN B 20 -14.25 -13.41 -32.43
C ASN B 20 -12.82 -12.93 -32.68
N SER B 21 -12.03 -12.79 -31.63
CA SER B 21 -10.65 -12.33 -31.74
C SER B 21 -9.73 -13.28 -30.97
N THR B 22 -8.51 -13.42 -31.47
CA THR B 22 -7.52 -14.31 -30.87
C THR B 22 -6.19 -13.59 -30.78
N ILE B 23 -5.44 -13.90 -29.72
CA ILE B 23 -4.11 -13.34 -29.50
C ILE B 23 -3.14 -14.51 -29.37
N THR B 24 -2.06 -14.46 -30.14
CA THR B 24 -1.02 -15.48 -30.10
C THR B 24 0.31 -14.81 -29.83
N THR B 25 1.06 -15.35 -28.87
CA THR B 25 2.40 -14.88 -28.57
C THR B 25 3.34 -16.07 -28.51
N GLN B 26 4.46 -15.99 -29.21
CA GLN B 26 5.45 -17.09 -29.29
C GLN B 26 6.59 -16.83 -28.32
N GLU B 27 6.56 -15.70 -27.60
CA GLU B 27 7.65 -15.33 -26.69
C GLU B 27 7.04 -14.54 -25.53
N CYS B 28 6.70 -15.24 -24.45
CA CYS B 28 6.00 -14.60 -23.35
C CYS B 28 6.28 -15.33 -22.06
N ALA B 29 6.02 -14.64 -20.95
CA ALA B 29 6.14 -15.21 -19.62
C ALA B 29 4.77 -15.73 -19.18
N ASN B 30 4.65 -16.10 -17.91
CA ASN B 30 3.38 -16.60 -17.39
C ASN B 30 2.35 -15.48 -17.41
N VAL B 31 1.13 -15.82 -17.02
CA VAL B 31 0.00 -14.89 -16.99
C VAL B 31 -0.34 -14.60 -15.54
N VAL B 32 -0.44 -13.32 -15.19
CA VAL B 32 -0.74 -12.88 -13.84
C VAL B 32 -2.24 -12.67 -13.72
N VAL B 33 -2.84 -13.26 -12.68
CA VAL B 33 -4.28 -13.20 -12.50
C VAL B 33 -4.60 -12.33 -11.28
N GLY B 34 -4.74 -11.02 -11.51
CA GLY B 34 -5.21 -10.10 -10.49
C GLY B 34 -4.67 -10.37 -9.11
N TYR B 35 -5.58 -10.58 -8.16
CA TYR B 35 -5.23 -11.00 -6.80
C TYR B 35 -5.57 -12.47 -6.60
N GLY B 36 -5.36 -13.28 -7.63
CA GLY B 36 -5.75 -14.67 -7.59
C GLY B 36 -7.23 -14.91 -7.80
N ARG B 37 -7.98 -13.90 -8.21
CA ARG B 37 -9.42 -14.00 -8.39
C ARG B 37 -9.75 -13.86 -9.87
N TRP B 38 -10.48 -14.82 -10.40
CA TRP B 38 -10.88 -14.78 -11.80
C TRP B 38 -12.17 -13.97 -11.96
N PRO B 39 -12.33 -13.22 -13.05
CA PRO B 39 -13.57 -12.46 -13.24
C PRO B 39 -14.78 -13.39 -13.29
N THR B 40 -15.90 -12.89 -12.76
CA THR B 40 -17.12 -13.68 -12.71
C THR B 40 -18.32 -12.75 -12.63
N TYR B 41 -19.50 -13.31 -12.92
CA TYR B 41 -20.73 -12.54 -12.88
C TYR B 41 -21.17 -12.30 -11.44
N LEU B 42 -22.04 -11.31 -11.26
CA LEU B 42 -22.53 -10.96 -9.94
C LEU B 42 -23.50 -12.02 -9.44
N ARG B 43 -23.37 -12.38 -8.17
CA ARG B 43 -24.22 -13.40 -7.58
C ARG B 43 -25.56 -12.81 -7.15
N ASP B 44 -26.52 -13.70 -6.90
CA ASP B 44 -27.86 -13.25 -6.52
C ASP B 44 -27.86 -12.65 -5.12
N ASP B 45 -27.10 -13.20 -4.20
CA ASP B 45 -27.13 -12.77 -2.81
C ASP B 45 -26.26 -11.56 -2.55
N GLU B 46 -25.58 -11.04 -3.56
CA GLU B 46 -24.74 -9.86 -3.41
C GLU B 46 -25.25 -8.66 -4.20
N ALA B 47 -26.21 -8.83 -5.10
CA ALA B 47 -26.68 -7.73 -5.93
C ALA B 47 -27.60 -6.82 -5.13
N THR B 48 -27.84 -5.65 -5.67
CA THR B 48 -28.72 -4.66 -5.07
C THR B 48 -29.81 -4.16 -6.01
N ALA B 49 -29.50 -3.99 -7.30
CA ALA B 49 -30.52 -3.57 -8.25
C ALA B 49 -31.53 -4.68 -8.46
N GLU B 50 -32.78 -4.31 -8.77
CA GLU B 50 -33.88 -5.29 -8.87
C GLU B 50 -34.11 -5.76 -10.29
N ASP B 51 -34.00 -4.89 -11.30
CA ASP B 51 -34.38 -5.26 -12.65
C ASP B 51 -33.37 -6.22 -13.26
N GLN B 52 -33.80 -6.88 -14.33
CA GLN B 52 -32.96 -7.86 -15.01
C GLN B 52 -31.76 -7.17 -15.66
N PRO B 53 -30.55 -7.69 -15.49
CA PRO B 53 -29.41 -7.13 -16.22
C PRO B 53 -29.38 -7.61 -17.66
N THR B 54 -28.47 -7.02 -18.43
CA THR B 54 -28.22 -7.41 -19.80
C THR B 54 -26.78 -7.89 -19.94
N GLN B 55 -26.56 -9.05 -20.53
CA GLN B 55 -25.21 -9.64 -20.67
C GLN B 55 -24.93 -9.76 -22.16
N PRO B 56 -24.42 -8.71 -22.82
CA PRO B 56 -24.13 -8.75 -24.25
C PRO B 56 -22.80 -9.48 -24.48
N ASP B 57 -22.74 -10.76 -24.13
CA ASP B 57 -21.49 -11.57 -24.27
C ASP B 57 -21.05 -11.58 -25.73
N VAL B 58 -19.75 -11.69 -26.00
CA VAL B 58 -19.18 -11.79 -27.38
C VAL B 58 -19.20 -10.41 -28.03
N ALA B 59 -20.35 -9.76 -28.13
CA ALA B 59 -20.47 -8.41 -28.70
C ALA B 59 -19.53 -7.46 -27.95
N THR B 60 -19.41 -7.62 -26.63
CA THR B 60 -18.61 -6.70 -25.78
C THR B 60 -17.35 -7.40 -25.28
N CYS B 61 -17.34 -8.71 -25.10
CA CYS B 61 -16.18 -9.44 -24.54
C CYS B 61 -15.21 -9.80 -25.67
N ARG B 62 -14.40 -8.85 -26.13
CA ARG B 62 -13.48 -9.11 -27.23
C ARG B 62 -12.32 -8.11 -27.13
N PHE B 63 -11.21 -8.41 -27.82
CA PHE B 63 -9.99 -7.59 -27.74
C PHE B 63 -10.21 -6.28 -28.52
N TYR B 64 -9.60 -5.19 -28.09
CA TYR B 64 -9.71 -3.86 -28.72
C TYR B 64 -8.35 -3.17 -28.67
N THR B 65 -7.61 -3.12 -29.77
CA THR B 65 -6.28 -2.45 -29.82
C THR B 65 -6.48 -0.96 -29.56
N LEU B 66 -5.96 -0.45 -28.43
CA LEU B 66 -6.09 0.96 -28.01
C LEU B 66 -4.92 1.77 -28.57
N ASP B 67 -4.83 1.96 -29.89
CA ASP B 67 -3.82 2.85 -30.50
C ASP B 67 -2.40 2.33 -30.21
N SER B 68 -1.35 3.09 -30.54
CA SER B 68 0.06 2.66 -30.37
C SER B 68 0.96 3.87 -30.13
N ILE B 69 1.98 3.73 -29.27
CA ILE B 69 2.91 4.84 -28.90
C ILE B 69 4.27 4.56 -29.53
N LYS B 70 5.25 5.46 -29.36
CA LYS B 70 6.62 5.28 -29.90
C LYS B 70 7.61 5.35 -28.73
N TRP B 71 8.45 4.34 -28.53
CA TRP B 71 9.40 4.29 -27.43
C TRP B 71 10.73 4.83 -27.94
N GLU B 72 11.14 5.97 -27.42
CA GLU B 72 12.39 6.61 -27.79
C GLU B 72 13.43 6.44 -26.69
N LYS B 73 14.64 6.91 -26.97
CA LYS B 73 15.68 6.87 -25.95
C LYS B 73 15.36 7.78 -24.78
N GLY B 74 14.56 8.82 -25.01
CA GLY B 74 14.20 9.77 -23.99
C GLY B 74 12.81 9.61 -23.40
N SER B 75 12.12 8.50 -23.68
CA SER B 75 10.79 8.30 -23.14
C SER B 75 10.85 8.14 -21.62
N VAL B 76 9.77 8.54 -20.96
CA VAL B 76 9.73 8.56 -19.51
C VAL B 76 8.62 7.66 -18.99
N GLY B 77 7.56 7.50 -19.76
CA GLY B 77 6.45 6.65 -19.35
C GLY B 77 5.13 7.18 -19.86
N TRP B 78 4.09 6.38 -19.67
CA TRP B 78 2.75 6.73 -20.10
C TRP B 78 1.74 6.10 -19.16
N TRP B 79 0.50 6.59 -19.22
CA TRP B 79 -0.58 6.00 -18.44
C TRP B 79 -1.89 6.12 -19.20
N TRP B 80 -2.79 5.17 -18.95
CA TRP B 80 -4.14 5.17 -19.47
C TRP B 80 -5.11 4.89 -18.34
N LYS B 81 -6.31 5.47 -18.42
CA LYS B 81 -7.35 5.28 -17.42
C LYS B 81 -8.53 4.53 -18.03
N PHE B 82 -9.05 3.56 -17.28
CA PHE B 82 -10.16 2.74 -17.72
C PHE B 82 -11.34 2.88 -16.77
N PRO B 83 -12.58 2.65 -17.25
CA PRO B 83 -12.93 2.22 -18.60
C PRO B 83 -13.06 3.37 -19.58
N GLU B 84 -12.71 4.58 -19.14
CA GLU B 84 -12.85 5.74 -20.02
C GLU B 84 -12.08 5.56 -21.31
N ALA B 85 -10.97 4.82 -21.26
CA ALA B 85 -10.17 4.63 -22.47
C ALA B 85 -10.96 3.95 -23.57
N LEU B 86 -11.89 3.06 -23.21
CA LEU B 86 -12.74 2.37 -24.16
C LEU B 86 -14.10 3.05 -24.33
N SER B 87 -14.18 4.35 -24.06
CA SER B 87 -15.48 5.01 -24.03
C SER B 87 -16.16 5.01 -25.39
N ASP B 88 -15.41 4.92 -26.48
CA ASP B 88 -15.94 5.01 -27.84
C ASP B 88 -15.38 3.90 -28.70
N MET B 89 -15.39 2.68 -28.17
CA MET B 89 -14.79 1.51 -28.86
C MET B 89 -15.87 0.43 -29.07
N GLY B 90 -16.50 0.40 -30.25
CA GLY B 90 -17.43 -0.65 -30.58
C GLY B 90 -18.72 -0.59 -29.76
N LEU B 91 -19.39 -1.73 -29.66
CA LEU B 91 -20.61 -1.82 -28.89
C LEU B 91 -20.38 -1.60 -27.41
N PHE B 92 -19.16 -1.81 -26.92
CA PHE B 92 -18.87 -1.53 -25.53
C PHE B 92 -19.16 -0.08 -25.19
N GLY B 93 -18.71 0.85 -26.04
CA GLY B 93 -18.97 2.25 -25.79
C GLY B 93 -20.45 2.58 -25.83
N GLN B 94 -21.18 2.03 -26.81
CA GLN B 94 -22.60 2.31 -26.91
C GLN B 94 -23.34 1.83 -25.67
N ASN B 95 -23.08 0.59 -25.26
CA ASN B 95 -23.74 0.06 -24.07
C ASN B 95 -23.37 0.87 -22.84
N MET B 96 -22.11 1.28 -22.73
CA MET B 96 -21.72 2.17 -21.65
C MET B 96 -22.55 3.45 -21.66
N GLN B 97 -22.76 4.01 -22.84
CA GLN B 97 -23.50 5.27 -22.95
C GLN B 97 -24.96 5.08 -22.53
N TYR B 98 -25.61 3.99 -22.93
CA TYR B 98 -27.08 3.82 -22.74
C TYR B 98 -27.48 3.29 -21.37
N HIS B 99 -26.56 2.78 -20.56
CA HIS B 99 -26.88 2.14 -19.26
C HIS B 99 -26.37 2.98 -18.11
N TYR B 100 -27.04 2.95 -16.96
CA TYR B 100 -26.68 3.75 -15.76
C TYR B 100 -25.57 3.05 -15.00
N LEU B 101 -25.64 1.73 -14.86
CA LEU B 101 -24.65 0.95 -14.10
C LEU B 101 -23.92 -0.03 -15.01
N GLY B 102 -22.69 -0.38 -14.64
CA GLY B 102 -21.86 -1.31 -15.42
C GLY B 102 -20.97 -2.09 -14.47
N ARG B 103 -20.38 -3.19 -14.92
CA ARG B 103 -19.51 -4.06 -14.10
C ARG B 103 -18.82 -5.03 -15.05
N ALA B 104 -17.50 -5.10 -15.06
CA ALA B 104 -16.75 -6.00 -15.96
C ALA B 104 -15.30 -6.09 -15.55
N GLY B 105 -14.68 -7.27 -15.65
CA GLY B 105 -13.24 -7.43 -15.43
C GLY B 105 -12.56 -7.08 -16.75
N TYR B 106 -11.24 -7.18 -16.84
CA TYR B 106 -10.48 -6.83 -18.07
C TYR B 106 -9.28 -7.74 -18.24
N THR B 107 -8.80 -7.96 -19.46
CA THR B 107 -7.57 -8.72 -19.76
C THR B 107 -6.69 -7.75 -20.53
N ILE B 108 -5.54 -7.36 -19.98
CA ILE B 108 -4.64 -6.36 -20.60
C ILE B 108 -3.45 -7.11 -21.18
N HIS B 109 -3.13 -6.88 -22.44
CA HIS B 109 -1.98 -7.51 -23.13
C HIS B 109 -1.18 -6.36 -23.74
N VAL B 110 0.11 -6.25 -23.41
CA VAL B 110 0.99 -5.17 -23.93
C VAL B 110 2.03 -5.84 -24.81
N GLN B 111 2.23 -5.36 -26.03
CA GLN B 111 3.19 -5.94 -27.00
C GLN B 111 4.33 -4.96 -27.19
N CYS B 112 5.57 -5.45 -27.20
CA CYS B 112 6.78 -4.62 -27.42
C CYS B 112 7.88 -5.60 -27.83
N ASN B 113 8.31 -5.58 -29.09
CA ASN B 113 9.31 -6.54 -29.61
C ASN B 113 10.53 -5.77 -30.10
N ALA B 114 11.72 -6.34 -29.95
CA ALA B 114 12.98 -5.73 -30.43
C ALA B 114 13.98 -6.85 -30.68
N SER B 115 15.06 -6.58 -31.42
CA SER B 115 16.08 -7.60 -31.77
C SER B 115 16.82 -8.04 -30.51
N LYS B 116 17.73 -9.01 -30.65
CA LYS B 116 18.53 -9.53 -29.51
C LYS B 116 19.74 -8.62 -29.28
N PHE B 117 19.80 -7.46 -29.94
CA PHE B 117 20.89 -6.46 -29.76
C PHE B 117 20.34 -5.19 -29.12
N HIS B 118 19.05 -5.13 -28.82
CA HIS B 118 18.44 -3.98 -28.09
C HIS B 118 18.43 -4.32 -26.60
N GLN B 119 18.42 -3.32 -25.72
CA GLN B 119 18.36 -3.53 -24.26
C GLN B 119 17.39 -2.50 -23.67
N GLY B 120 16.65 -2.88 -22.63
CA GLY B 120 15.67 -2.00 -21.96
C GLY B 120 14.76 -2.83 -21.09
N CYS B 121 14.04 -2.22 -20.14
CA CYS B 121 13.12 -2.91 -19.21
C CYS B 121 11.93 -2.00 -18.96
N LEU B 122 10.70 -2.51 -19.06
CA LEU B 122 9.46 -1.74 -18.84
C LEU B 122 8.72 -2.36 -17.67
N LEU B 123 8.02 -1.56 -16.87
CA LEU B 123 7.18 -2.07 -15.77
C LEU B 123 5.74 -1.87 -16.21
N VAL B 124 4.93 -2.92 -16.28
CA VAL B 124 3.49 -2.83 -16.64
C VAL B 124 2.73 -3.10 -15.34
N VAL B 125 1.90 -2.18 -14.87
CA VAL B 125 1.19 -2.30 -13.56
C VAL B 125 -0.20 -1.71 -13.68
N CYS B 126 -1.21 -2.32 -13.05
CA CYS B 126 -2.59 -1.80 -13.00
C CYS B 126 -2.82 -1.28 -11.60
N VAL B 127 -2.98 0.03 -11.42
CA VAL B 127 -3.12 0.70 -10.09
C VAL B 127 -4.61 0.98 -9.85
N PRO B 128 -5.34 0.19 -9.04
CA PRO B 128 -6.72 0.52 -8.74
C PRO B 128 -6.83 1.80 -7.91
N GLU B 129 -7.86 2.60 -8.12
CA GLU B 129 -8.08 3.85 -7.34
C GLU B 129 -6.82 4.71 -7.43
N ALA B 130 -6.34 5.01 -8.63
CA ALA B 130 -5.12 5.82 -8.85
C ALA B 130 -5.46 7.30 -8.82
N GLU B 131 -5.83 7.84 -7.65
CA GLU B 131 -6.15 9.27 -7.51
C GLU B 131 -4.88 10.08 -7.74
N MET B 132 -4.96 11.22 -8.43
CA MET B 132 -3.76 12.04 -8.78
C MET B 132 -3.92 13.46 -8.26
N GLY B 133 -2.81 14.13 -7.92
CA GLY B 133 -2.82 15.51 -7.39
C GLY B 133 -2.45 16.51 -8.46
N GLY B 134 -2.95 17.73 -8.37
CA GLY B 134 -2.70 18.76 -9.39
C GLY B 134 -1.27 19.24 -9.37
N ALA B 135 -0.82 19.88 -10.45
CA ALA B 135 0.56 20.38 -10.55
C ALA B 135 0.80 21.44 -9.48
N VAL B 136 -0.17 22.33 -9.26
CA VAL B 136 -0.08 23.42 -8.24
C VAL B 136 -0.98 23.05 -7.07
N VAL B 137 -0.44 22.92 -5.86
CA VAL B 137 -1.23 22.55 -4.65
C VAL B 137 -2.28 23.65 -4.48
N GLY B 138 -3.55 23.28 -4.26
CA GLY B 138 -4.64 24.25 -4.13
C GLY B 138 -4.95 24.88 -5.48
N GLN B 139 -5.25 24.05 -6.48
CA GLN B 139 -5.57 24.52 -7.85
C GLN B 139 -6.21 23.32 -8.55
N ALA B 140 -7.45 23.43 -9.01
CA ALA B 140 -8.21 22.29 -9.60
C ALA B 140 -7.85 22.07 -11.06
N PHE B 141 -8.06 20.86 -11.58
CA PHE B 141 -7.83 20.54 -13.01
C PHE B 141 -9.16 20.02 -13.57
N SER B 142 -9.34 20.06 -14.89
CA SER B 142 -10.55 19.53 -15.56
C SER B 142 -10.37 18.04 -15.79
N ALA B 143 -11.35 17.36 -16.37
CA ALA B 143 -11.26 15.92 -16.71
C ALA B 143 -10.68 15.79 -18.12
N THR B 144 -9.66 16.57 -18.46
CA THR B 144 -9.02 16.55 -19.81
C THR B 144 -7.50 16.48 -19.65
N ALA B 145 -6.97 16.78 -18.47
CA ALA B 145 -5.51 16.70 -18.21
C ALA B 145 -5.16 15.30 -17.70
N MET B 146 -6.15 14.42 -17.54
CA MET B 146 -5.90 13.06 -16.97
C MET B 146 -6.58 11.96 -17.78
N ALA B 147 -7.52 12.26 -18.68
CA ALA B 147 -8.21 11.26 -19.53
C ALA B 147 -8.94 11.97 -20.67
N ASN B 148 -8.67 11.60 -21.93
CA ASN B 148 -9.33 12.21 -23.12
C ASN B 148 -9.53 11.10 -24.15
N GLY B 149 -10.11 9.98 -23.74
CA GLY B 149 -10.38 8.83 -24.63
C GLY B 149 -9.26 7.84 -24.59
N ASP B 150 -8.83 7.31 -25.75
CA ASP B 150 -7.79 6.24 -25.82
C ASP B 150 -6.38 6.83 -25.84
N LYS B 151 -6.22 8.13 -26.05
CA LYS B 151 -4.88 8.75 -26.19
C LYS B 151 -4.08 8.49 -24.91
N ALA B 152 -2.77 8.28 -25.03
CA ALA B 152 -1.86 8.05 -23.89
C ALA B 152 -1.40 9.39 -23.37
N TYR B 153 -1.14 9.52 -22.07
CA TYR B 153 -0.63 10.77 -21.44
C TYR B 153 0.84 10.55 -21.11
N GLU B 154 1.66 11.58 -21.18
CA GLU B 154 3.13 11.46 -20.98
C GLU B 154 3.54 11.84 -19.57
N PHE B 155 4.37 11.03 -18.91
CA PHE B 155 4.97 11.42 -17.63
C PHE B 155 6.07 12.41 -17.96
N THR B 156 6.59 13.17 -17.00
CA THR B 156 7.65 14.17 -17.23
C THR B 156 8.81 13.88 -16.28
N SER B 157 10.04 14.11 -16.73
CA SER B 157 11.24 13.91 -15.89
C SER B 157 11.28 15.03 -14.85
N ALA B 158 11.09 16.28 -15.29
CA ALA B 158 11.13 17.46 -14.41
C ALA B 158 9.79 17.69 -13.72
N THR B 159 9.75 18.54 -12.71
CA THR B 159 8.51 18.86 -11.95
C THR B 159 7.58 19.67 -12.85
N GLN B 160 6.29 19.32 -12.92
CA GLN B 160 5.30 20.06 -13.75
C GLN B 160 5.14 21.46 -13.20
N SER B 161 4.91 22.45 -14.06
CA SER B 161 4.75 23.88 -13.66
C SER B 161 3.36 24.40 -14.07
N ASP B 162 2.77 23.88 -15.15
CA ASP B 162 1.46 24.37 -15.65
C ASP B 162 0.37 23.99 -14.65
N GLN B 163 -0.44 24.95 -14.22
CA GLN B 163 -1.48 24.72 -13.19
C GLN B 163 -2.69 24.00 -13.77
N THR B 164 -2.78 23.86 -15.09
CA THR B 164 -3.99 23.28 -15.74
C THR B 164 -3.86 21.77 -15.92
N LYS B 165 -2.77 21.15 -15.47
CA LYS B 165 -2.55 19.69 -15.64
C LYS B 165 -2.03 19.04 -14.36
N VAL B 166 -1.96 17.71 -14.32
CA VAL B 166 -1.55 16.93 -13.12
C VAL B 166 -0.05 17.04 -12.91
N GLN B 167 0.46 16.82 -11.70
CA GLN B 167 1.92 16.77 -11.40
C GLN B 167 2.46 15.52 -12.08
N THR B 168 3.33 15.67 -13.09
CA THR B 168 3.81 14.53 -13.91
C THR B 168 5.20 14.06 -13.47
N ALA B 169 5.72 14.51 -12.32
CA ALA B 169 7.02 14.05 -11.79
C ALA B 169 7.03 12.53 -11.80
N ILE B 170 7.84 11.90 -12.64
CA ILE B 170 7.86 10.42 -12.80
C ILE B 170 8.23 9.72 -11.50
N HIS B 171 9.23 10.21 -10.77
CA HIS B 171 9.74 9.52 -9.55
C HIS B 171 8.66 9.39 -8.47
N ASN B 172 7.59 10.19 -8.52
CA ASN B 172 6.52 10.17 -7.49
C ASN B 172 5.25 9.53 -8.06
N ALA B 173 5.21 9.21 -9.36
CA ALA B 173 4.07 8.52 -10.03
C ALA B 173 2.78 9.34 -9.95
N GLY B 174 2.88 10.65 -9.70
CA GLY B 174 1.71 11.54 -9.65
C GLY B 174 0.73 11.19 -8.55
N MET B 175 1.15 10.40 -7.56
CA MET B 175 0.29 9.98 -6.43
C MET B 175 1.05 10.26 -5.13
N GLY B 176 2.17 10.97 -5.21
CA GLY B 176 2.95 11.33 -4.01
C GLY B 176 3.44 10.10 -3.27
N VAL B 177 3.88 9.04 -3.98
CA VAL B 177 4.47 7.81 -3.39
C VAL B 177 5.73 7.42 -4.16
N GLY B 178 6.61 6.60 -3.58
CA GLY B 178 7.83 6.13 -4.25
C GLY B 178 7.52 5.25 -5.45
N VAL B 179 8.06 5.56 -6.63
CA VAL B 179 7.78 4.81 -7.90
C VAL B 179 8.22 3.37 -7.75
N GLY B 180 9.28 3.10 -6.99
CA GLY B 180 9.82 1.74 -6.85
C GLY B 180 8.93 0.82 -6.07
N ASN B 181 7.92 1.33 -5.37
CA ASN B 181 7.06 0.50 -4.48
C ASN B 181 5.79 0.06 -5.21
N LEU B 182 5.63 0.39 -6.50
CA LEU B 182 4.40 0.06 -7.28
C LEU B 182 4.31 -1.45 -7.47
N THR B 183 5.38 -2.20 -7.20
CA THR B 183 5.40 -3.68 -7.33
C THR B 183 4.24 -4.28 -6.54
N ILE B 184 3.77 -3.64 -5.47
CA ILE B 184 2.69 -4.19 -4.61
C ILE B 184 1.48 -4.52 -5.47
N TYR B 185 1.13 -3.66 -6.44
CA TYR B 185 -0.05 -3.86 -7.30
C TYR B 185 0.19 -4.98 -8.31
N PRO B 186 -0.84 -5.64 -8.89
CA PRO B 186 -0.60 -6.63 -9.92
C PRO B 186 0.27 -6.01 -11.01
N HIS B 187 1.32 -6.69 -11.48
CA HIS B 187 2.27 -6.14 -12.47
C HIS B 187 3.08 -7.24 -13.14
N GLN B 188 3.85 -6.90 -14.18
CA GLN B 188 4.74 -7.82 -14.92
C GLN B 188 5.84 -6.95 -15.50
N TRP B 189 6.98 -7.52 -15.89
CA TRP B 189 8.11 -6.77 -16.49
C TRP B 189 8.32 -7.23 -17.93
N ILE B 190 8.57 -6.31 -18.86
CA ILE B 190 8.91 -6.66 -20.27
C ILE B 190 10.42 -6.41 -20.38
N ASN B 191 11.24 -7.46 -20.27
CA ASN B 191 12.72 -7.38 -20.42
C ASN B 191 13.03 -7.84 -21.83
N LEU B 192 13.62 -7.00 -22.67
CA LEU B 192 13.85 -7.31 -24.09
C LEU B 192 14.74 -8.54 -24.23
N ARG B 193 15.51 -8.90 -23.21
CA ARG B 193 16.39 -10.08 -23.24
C ARG B 193 15.57 -11.35 -23.38
N THR B 194 14.43 -11.47 -22.69
CA THR B 194 13.67 -12.74 -22.64
C THR B 194 12.16 -12.61 -22.76
N ASN B 195 11.61 -11.43 -23.05
CA ASN B 195 10.13 -11.22 -23.06
C ASN B 195 9.75 -10.23 -24.15
N ASN B 196 8.55 -10.36 -24.70
CA ASN B 196 8.04 -9.40 -25.72
C ASN B 196 6.62 -8.93 -25.34
N SER B 197 5.98 -9.56 -24.37
CA SER B 197 4.60 -9.21 -23.97
C SER B 197 4.33 -9.52 -22.51
N ALA B 198 3.42 -8.77 -21.90
CA ALA B 198 3.00 -8.96 -20.50
C ALA B 198 1.48 -9.08 -20.51
N THR B 199 0.91 -10.04 -19.78
CA THR B 199 -0.56 -10.29 -19.72
C THR B 199 -1.01 -10.20 -18.28
N ILE B 200 -2.05 -9.42 -17.97
CA ILE B 200 -2.60 -9.26 -16.61
C ILE B 200 -4.11 -9.42 -16.70
N VAL B 201 -4.73 -10.28 -15.90
CA VAL B 201 -6.20 -10.49 -15.86
C VAL B 201 -6.72 -9.76 -14.61
N MET B 202 -7.31 -8.59 -14.78
CA MET B 202 -7.73 -7.74 -13.64
C MET B 202 -9.21 -8.00 -13.31
N PRO B 203 -9.58 -8.58 -12.15
CA PRO B 203 -10.99 -8.74 -11.79
C PRO B 203 -11.61 -7.40 -11.42
N TYR B 204 -12.94 -7.35 -11.22
CA TYR B 204 -13.66 -6.09 -10.85
C TYR B 204 -13.43 -5.81 -9.37
N ILE B 205 -12.76 -4.71 -9.02
CA ILE B 205 -12.49 -4.31 -7.60
C ILE B 205 -13.13 -2.95 -7.35
N ASN B 206 -14.06 -2.86 -6.40
CA ASN B 206 -14.76 -1.60 -6.03
C ASN B 206 -15.48 -1.86 -4.72
N SER B 207 -15.89 -0.82 -4.00
CA SER B 207 -16.57 -0.92 -2.69
C SER B 207 -18.06 -1.17 -2.88
N VAL B 208 -18.55 -1.27 -4.11
CA VAL B 208 -20.00 -1.45 -4.41
C VAL B 208 -20.16 -2.50 -5.52
N PRO B 209 -21.26 -3.28 -5.57
CA PRO B 209 -21.40 -4.34 -6.57
C PRO B 209 -21.30 -3.81 -8.02
N MET B 210 -21.82 -2.62 -8.30
CA MET B 210 -21.80 -2.00 -9.66
C MET B 210 -21.55 -0.50 -9.49
N ASP B 211 -21.17 0.21 -10.56
CA ASP B 211 -20.90 1.67 -10.50
C ASP B 211 -21.05 2.28 -11.89
N ASN B 212 -21.39 3.57 -11.97
CA ASN B 212 -21.48 4.28 -13.27
C ASN B 212 -20.09 4.29 -13.87
N MET B 213 -19.94 3.94 -15.15
CA MET B 213 -18.61 3.77 -15.77
C MET B 213 -18.13 5.06 -16.43
N PHE B 214 -18.91 6.12 -16.41
CA PHE B 214 -18.54 7.43 -16.99
C PHE B 214 -18.09 8.40 -15.91
N ARG B 215 -18.42 8.13 -14.65
CA ARG B 215 -18.09 9.03 -13.52
C ARG B 215 -16.88 8.52 -12.76
N HIS B 216 -16.61 7.22 -12.77
CA HIS B 216 -15.54 6.61 -11.93
C HIS B 216 -14.48 5.89 -12.76
N TYR B 217 -13.19 6.12 -12.51
CA TYR B 217 -12.07 5.42 -13.18
C TYR B 217 -11.72 4.21 -12.31
N ASN B 218 -12.14 3.01 -12.70
CA ASN B 218 -11.95 1.81 -11.86
C ASN B 218 -10.47 1.63 -11.53
N PHE B 219 -9.57 1.72 -12.51
CA PHE B 219 -8.11 1.53 -12.33
C PHE B 219 -7.34 2.25 -13.43
N THR B 220 -6.03 2.42 -13.27
CA THR B 220 -5.15 3.12 -14.24
C THR B 220 -4.03 2.16 -14.62
N LEU B 221 -3.68 2.06 -15.90
CA LEU B 221 -2.56 1.24 -16.38
C LEU B 221 -1.37 2.18 -16.44
N MET B 222 -0.17 1.73 -16.10
CA MET B 222 1.04 2.57 -16.18
C MET B 222 2.16 1.72 -16.80
N VAL B 223 2.90 2.28 -17.76
CA VAL B 223 4.07 1.61 -18.40
C VAL B 223 5.26 2.54 -18.19
N ILE B 224 6.24 2.15 -17.39
CA ILE B 224 7.37 3.05 -17.02
C ILE B 224 8.68 2.40 -17.43
N PRO B 225 9.50 2.97 -18.34
CA PRO B 225 10.79 2.39 -18.67
C PRO B 225 11.71 2.54 -17.45
N PHE B 226 12.05 1.46 -16.73
CA PHE B 226 12.99 1.48 -15.56
C PHE B 226 14.44 1.39 -16.04
N VAL B 227 14.66 0.88 -17.25
CA VAL B 227 16.02 0.87 -17.87
C VAL B 227 15.82 1.44 -19.27
N LYS B 228 16.37 2.62 -19.55
CA LYS B 228 16.12 3.32 -20.83
C LYS B 228 16.54 2.46 -22.02
N LEU B 229 15.81 2.56 -23.13
CA LEU B 229 16.13 1.80 -24.37
C LEU B 229 17.52 2.21 -24.84
N ASP B 230 18.29 1.29 -25.39
CA ASP B 230 19.63 1.60 -25.94
C ASP B 230 19.93 0.62 -27.07
N TYR B 231 20.66 1.06 -28.09
CA TYR B 231 21.02 0.23 -29.26
C TYR B 231 22.14 0.98 -29.96
N ALA B 232 22.77 0.39 -30.96
CA ALA B 232 23.89 1.02 -31.70
C ALA B 232 23.96 0.48 -33.12
N ASP B 233 24.20 1.35 -34.10
CA ASP B 233 24.41 0.93 -35.51
C ASP B 233 23.25 0.04 -35.97
N THR B 234 22.05 0.60 -36.12
CA THR B 234 20.85 -0.11 -36.65
C THR B 234 19.97 0.93 -37.33
N ALA B 235 19.13 0.52 -38.28
CA ALA B 235 18.26 1.44 -39.03
C ALA B 235 16.95 1.67 -38.28
N SER B 236 16.67 0.84 -37.26
CA SER B 236 15.44 0.96 -36.43
C SER B 236 15.65 2.09 -35.42
N THR B 237 14.87 3.17 -35.51
CA THR B 237 15.06 4.37 -34.66
C THR B 237 14.17 4.38 -33.42
N TYR B 238 13.10 3.58 -33.37
CA TYR B 238 12.18 3.51 -32.21
C TYR B 238 11.51 2.15 -32.15
N VAL B 239 11.01 1.76 -30.98
CA VAL B 239 10.35 0.44 -30.78
C VAL B 239 8.87 0.71 -30.50
N PRO B 240 7.95 0.56 -31.46
CA PRO B 240 6.54 0.81 -31.15
C PRO B 240 6.04 -0.07 -30.01
N ILE B 241 5.09 0.39 -29.20
CA ILE B 241 4.47 -0.38 -28.08
C ILE B 241 2.96 -0.33 -28.28
N THR B 242 2.27 -1.48 -28.27
CA THR B 242 0.80 -1.54 -28.50
C THR B 242 0.16 -2.13 -27.24
N VAL B 243 -1.04 -1.67 -26.90
CA VAL B 243 -1.82 -2.17 -25.74
C VAL B 243 -3.10 -2.74 -26.33
N THR B 244 -3.64 -3.83 -25.79
CA THR B 244 -4.90 -4.46 -26.23
C THR B 244 -5.66 -4.82 -24.96
N VAL B 245 -6.96 -4.56 -24.90
CA VAL B 245 -7.79 -4.78 -23.68
C VAL B 245 -9.09 -5.47 -24.07
N ALA B 246 -9.55 -6.41 -23.25
CA ALA B 246 -10.77 -7.20 -23.56
C ALA B 246 -11.65 -7.27 -22.31
N PRO B 247 -12.79 -6.56 -22.24
CA PRO B 247 -13.69 -6.70 -21.11
C PRO B 247 -14.08 -8.18 -20.95
N MET B 248 -14.37 -8.63 -19.74
CA MET B 248 -14.76 -10.04 -19.46
C MET B 248 -15.96 -10.06 -18.52
N CYS B 249 -16.90 -10.97 -18.72
CA CYS B 249 -18.11 -11.11 -17.85
C CYS B 249 -18.71 -9.73 -17.60
N ALA B 250 -18.95 -8.97 -18.65
CA ALA B 250 -19.56 -7.63 -18.56
C ALA B 250 -21.08 -7.75 -18.47
N GLU B 251 -21.72 -6.99 -17.60
CA GLU B 251 -23.21 -6.95 -17.48
C GLU B 251 -23.60 -5.53 -17.12
N TYR B 252 -24.63 -4.98 -17.75
CA TYR B 252 -25.08 -3.58 -17.55
C TYR B 252 -26.42 -3.59 -16.83
N ASN B 253 -26.98 -2.42 -16.52
CA ASN B 253 -28.23 -2.31 -15.73
C ASN B 253 -28.76 -0.88 -15.80
N GLY B 254 -30.06 -0.69 -15.62
CA GLY B 254 -30.67 0.65 -15.62
C GLY B 254 -30.56 1.36 -16.95
N LEU B 255 -31.22 0.85 -17.99
CA LEU B 255 -31.21 1.48 -19.33
C LEU B 255 -31.87 2.86 -19.25
N ARG B 256 -31.42 3.81 -20.04
CA ARG B 256 -31.92 5.21 -19.99
C ARG B 256 -31.51 5.88 -21.31
N LEU B 257 -31.87 7.14 -21.54
CA LEU B 257 -31.41 7.89 -22.75
C LEU B 257 -29.88 7.82 -22.83
N ALA B 258 -29.30 8.05 -24.00
CA ALA B 258 -27.84 7.95 -24.21
C ALA B 258 -27.14 9.21 -23.73
N GLN B 259 -26.10 9.08 -22.92
CA GLN B 259 -25.34 10.23 -22.37
C GLN B 259 -24.85 11.11 -23.53
N LEU C 2 -23.17 -4.44 47.39
CA LEU C 2 -21.99 -5.27 47.22
C LEU C 2 -20.72 -4.46 47.48
N PRO C 3 -20.04 -4.74 48.59
CA PRO C 3 -18.83 -3.97 48.91
C PRO C 3 -17.77 -4.13 47.83
N THR C 4 -17.07 -3.03 47.54
CA THR C 4 -16.01 -3.03 46.55
C THR C 4 -14.99 -1.95 46.91
N MET C 5 -13.80 -2.08 46.33
CA MET C 5 -12.68 -1.13 46.57
C MET C 5 -12.00 -0.87 45.23
N ASN C 6 -11.79 0.39 44.85
CA ASN C 6 -11.13 0.73 43.60
C ASN C 6 -9.62 0.61 43.74
N THR C 7 -9.01 -0.08 42.80
CA THR C 7 -7.57 -0.30 42.76
C THR C 7 -6.91 0.80 41.96
N PRO C 8 -5.59 0.95 42.08
CA PRO C 8 -4.90 1.97 41.28
C PRO C 8 -5.11 1.74 39.79
N GLY C 9 -5.21 2.84 39.06
CA GLY C 9 -5.45 2.79 37.63
C GLY C 9 -6.88 3.06 37.22
N SER C 10 -7.80 3.20 38.16
CA SER C 10 -9.18 3.51 37.83
C SER C 10 -9.28 4.91 37.26
N THR C 11 -10.20 5.09 36.31
CA THR C 11 -10.49 6.37 35.67
C THR C 11 -9.34 6.86 34.77
N GLN C 12 -8.37 6.01 34.48
CA GLN C 12 -7.31 6.38 33.56
C GLN C 12 -7.70 6.00 32.14
N PHE C 13 -7.11 6.71 31.18
CA PHE C 13 -7.34 6.49 29.76
C PHE C 13 -6.06 5.94 29.16
N LEU C 14 -6.05 4.65 28.87
CA LEU C 14 -4.91 3.98 28.24
C LEU C 14 -5.24 3.74 26.79
N THR C 15 -4.39 4.25 25.89
CA THR C 15 -4.70 4.25 24.47
C THR C 15 -4.72 2.85 23.87
N SER C 16 -4.22 1.84 24.57
CA SER C 16 -4.16 0.48 24.05
C SER C 16 -4.98 -0.50 24.89
N ASP C 17 -6.09 -0.05 25.45
CA ASP C 17 -6.93 -0.88 26.28
C ASP C 17 -8.01 -1.57 25.46
N ASP C 18 -8.62 -2.60 26.05
CA ASP C 18 -9.69 -3.37 25.40
C ASP C 18 -10.83 -3.51 26.41
N PHE C 19 -11.81 -2.61 26.31
CA PHE C 19 -12.96 -2.63 27.20
C PHE C 19 -14.23 -2.46 26.38
N GLN C 20 -15.32 -3.01 26.89
CA GLN C 20 -16.62 -2.83 26.27
C GLN C 20 -17.18 -1.45 26.63
N SER C 21 -17.92 -0.87 25.70
CA SER C 21 -18.51 0.44 25.89
C SER C 21 -19.90 0.46 25.27
N PRO C 22 -20.77 1.36 25.74
CA PRO C 22 -22.12 1.41 25.18
C PRO C 22 -22.13 1.85 23.73
N CYS C 23 -23.14 1.40 23.00
CA CYS C 23 -23.32 1.76 21.60
C CYS C 23 -24.28 2.95 21.51
N ALA C 24 -23.88 3.97 20.75
CA ALA C 24 -24.65 5.23 20.63
C ALA C 24 -25.76 5.10 19.60
N LEU C 25 -25.65 4.17 18.66
CA LEU C 25 -26.65 3.96 17.58
C LEU C 25 -27.31 2.60 17.83
N PRO C 26 -28.17 2.46 18.86
CA PRO C 26 -28.73 1.17 19.21
C PRO C 26 -29.49 0.47 18.09
N GLN C 27 -29.27 -0.83 17.89
CA GLN C 27 -30.00 -1.64 16.89
C GLN C 27 -29.79 -1.10 15.47
N PHE C 28 -28.62 -0.52 15.17
CA PHE C 28 -28.30 -0.04 13.81
C PHE C 28 -28.06 -1.25 12.93
N ASP C 29 -28.70 -1.33 11.76
CA ASP C 29 -28.53 -2.45 10.80
C ASP C 29 -27.37 -2.11 9.86
N VAL C 30 -26.29 -2.89 9.87
CA VAL C 30 -25.12 -2.65 9.06
C VAL C 30 -25.33 -3.21 7.66
N THR C 31 -24.60 -2.64 6.70
CA THR C 31 -24.69 -3.09 5.32
C THR C 31 -24.16 -4.51 5.20
N PRO C 32 -24.75 -5.35 4.35
CA PRO C 32 -24.23 -6.71 4.18
C PRO C 32 -22.81 -6.70 3.66
N SER C 33 -22.04 -7.69 4.08
CA SER C 33 -20.64 -7.78 3.69
C SER C 33 -20.51 -8.28 2.25
N MET C 34 -19.44 -7.83 1.60
CA MET C 34 -19.11 -8.23 0.24
C MET C 34 -17.65 -8.61 0.18
N ASN C 35 -17.35 -9.74 -0.45
CA ASN C 35 -15.99 -10.28 -0.47
C ASN C 35 -15.20 -9.60 -1.59
N ILE C 36 -14.69 -8.42 -1.30
CA ILE C 36 -13.87 -7.69 -2.27
C ILE C 36 -12.54 -8.42 -2.44
N PRO C 37 -12.01 -8.55 -3.66
CA PRO C 37 -10.72 -9.22 -3.83
C PRO C 37 -9.59 -8.43 -3.18
N GLY C 38 -8.59 -9.18 -2.69
CA GLY C 38 -7.38 -8.54 -2.21
C GLY C 38 -7.35 -8.32 -0.72
N GLU C 39 -8.06 -9.15 0.03
CA GLU C 39 -8.08 -9.02 1.48
C GLU C 39 -6.69 -9.30 2.05
N VAL C 40 -6.25 -8.45 2.98
CA VAL C 40 -4.96 -8.59 3.63
C VAL C 40 -5.22 -8.77 5.13
N LYS C 41 -4.61 -9.80 5.71
CA LYS C 41 -4.81 -10.13 7.11
C LYS C 41 -3.58 -9.93 7.98
N ASN C 42 -2.44 -9.57 7.39
CA ASN C 42 -1.23 -9.39 8.16
C ASN C 42 -0.23 -8.57 7.35
N LEU C 43 0.38 -7.57 7.99
CA LEU C 43 1.32 -6.71 7.31
C LEU C 43 2.50 -7.47 6.74
N MET C 44 2.83 -8.63 7.33
CA MET C 44 3.96 -9.40 6.82
C MET C 44 3.71 -9.85 5.39
N GLU C 45 2.44 -10.08 5.02
CA GLU C 45 2.13 -10.42 3.64
C GLU C 45 2.59 -9.31 2.70
N ILE C 46 2.36 -8.06 3.09
CA ILE C 46 2.89 -6.94 2.31
C ILE C 46 4.40 -6.97 2.34
N ALA C 47 5.00 -7.22 3.50
CA ALA C 47 6.45 -7.16 3.63
C ALA C 47 7.16 -8.20 2.76
N GLU C 48 6.46 -9.25 2.35
CA GLU C 48 7.08 -10.33 1.58
C GLU C 48 7.12 -10.05 0.08
N VAL C 49 6.60 -8.92 -0.37
CA VAL C 49 6.57 -8.60 -1.80
C VAL C 49 7.83 -7.84 -2.16
N ASP C 50 8.37 -8.11 -3.35
CA ASP C 50 9.60 -7.48 -3.79
C ASP C 50 9.38 -6.01 -4.10
N SER C 51 10.47 -5.25 -4.05
CA SER C 51 10.43 -3.83 -4.38
C SER C 51 11.82 -3.40 -4.83
N VAL C 52 11.87 -2.41 -5.73
CA VAL C 52 13.13 -1.98 -6.31
C VAL C 52 13.91 -1.19 -5.27
N VAL C 53 15.20 -1.49 -5.15
CA VAL C 53 16.08 -0.87 -4.16
C VAL C 53 16.91 0.20 -4.86
N PRO C 54 16.86 1.46 -4.43
CA PRO C 54 17.70 2.50 -5.05
C PRO C 54 19.14 2.47 -4.56
N VAL C 55 19.94 1.60 -5.18
CA VAL C 55 21.30 1.39 -4.71
C VAL C 55 22.25 2.50 -5.17
N ASN C 56 21.95 3.15 -6.29
CA ASN C 56 22.87 4.11 -6.89
C ASN C 56 22.62 5.51 -6.30
N ASN C 57 23.04 5.67 -5.05
CA ASN C 57 22.92 6.96 -4.35
C ASN C 57 24.27 7.67 -4.36
N VAL C 58 24.60 8.23 -5.51
CA VAL C 58 25.96 8.72 -5.76
C VAL C 58 26.07 10.23 -5.50
N GLN C 59 25.09 10.83 -4.83
CA GLN C 59 25.21 12.22 -4.40
C GLN C 59 25.30 13.18 -5.58
N ASP C 60 25.19 12.68 -6.80
CA ASP C 60 25.27 13.50 -7.99
C ASP C 60 24.21 13.09 -9.01
N THR C 61 23.11 12.52 -8.53
CA THR C 61 22.05 12.02 -9.41
C THR C 61 21.14 13.18 -9.78
N THR C 62 21.41 13.81 -10.93
CA THR C 62 20.51 14.83 -11.44
C THR C 62 19.18 14.23 -11.87
N ASP C 63 19.17 12.99 -12.33
CA ASP C 63 17.96 12.28 -12.69
C ASP C 63 17.64 11.29 -11.57
N GLN C 64 16.46 11.46 -10.96
CA GLN C 64 16.12 10.61 -9.83
C GLN C 64 16.04 9.14 -10.22
N MET C 65 15.47 8.85 -11.39
CA MET C 65 15.33 7.46 -11.81
C MET C 65 16.69 6.77 -11.94
N GLU C 66 17.76 7.54 -12.10
CA GLU C 66 19.09 6.93 -12.21
C GLU C 66 19.47 6.14 -10.96
N MET C 67 18.84 6.43 -9.82
CA MET C 67 19.23 5.77 -8.58
C MET C 67 18.96 4.27 -8.63
N PHE C 68 18.13 3.81 -9.55
CA PHE C 68 17.72 2.41 -9.57
C PHE C 68 18.61 1.54 -10.44
N ARG C 69 19.60 2.11 -11.11
CA ARG C 69 20.42 1.37 -12.08
C ARG C 69 21.86 1.32 -11.61
N ILE C 70 22.43 0.12 -11.62
CA ILE C 70 23.82 -0.11 -11.23
C ILE C 70 24.64 -0.21 -12.52
N PRO C 71 25.55 0.73 -12.78
CA PRO C 71 26.27 0.69 -14.06
C PRO C 71 27.20 -0.50 -14.17
N VAL C 72 27.44 -0.92 -15.41
CA VAL C 72 28.36 -2.01 -15.71
C VAL C 72 29.02 -1.70 -17.04
N THR C 73 30.30 -2.07 -17.17
CA THR C 73 31.09 -1.74 -18.33
C THR C 73 31.78 -2.99 -18.87
N ILE C 74 32.13 -2.93 -20.17
CA ILE C 74 32.70 -4.09 -20.83
C ILE C 74 34.11 -4.36 -20.34
N ASN C 75 35.01 -3.36 -20.32
CA ASN C 75 36.44 -3.58 -20.01
C ASN C 75 36.72 -3.08 -18.59
N ALA C 76 36.71 -3.97 -17.60
CA ALA C 76 36.90 -3.61 -16.19
C ALA C 76 38.18 -4.24 -15.65
N PRO C 77 38.90 -3.62 -14.69
CA PRO C 77 40.05 -4.26 -14.08
C PRO C 77 39.70 -5.70 -13.71
N LEU C 78 40.61 -6.65 -13.91
CA LEU C 78 40.34 -8.10 -13.68
C LEU C 78 39.36 -8.27 -12.52
N GLN C 79 39.67 -7.75 -11.33
CA GLN C 79 38.75 -7.77 -10.17
C GLN C 79 38.36 -6.33 -9.86
N GLN C 80 37.08 -6.04 -9.73
CA GLN C 80 36.58 -4.67 -9.46
C GLN C 80 35.27 -4.79 -8.71
N GLN C 81 35.04 -3.96 -7.70
CA GLN C 81 33.78 -3.99 -6.93
C GLN C 81 32.68 -3.33 -7.74
N VAL C 82 31.49 -3.93 -7.80
CA VAL C 82 30.33 -3.34 -8.45
C VAL C 82 29.59 -2.40 -7.51
N PHE C 83 29.31 -2.84 -6.29
CA PHE C 83 28.64 -2.01 -5.31
C PHE C 83 28.90 -2.56 -3.92
N GLY C 84 28.59 -1.75 -2.92
CA GLY C 84 28.67 -2.19 -1.53
C GLY C 84 27.68 -1.41 -0.70
N LEU C 85 27.17 -2.05 0.35
CA LEU C 85 26.14 -1.41 1.17
C LEU C 85 26.11 -2.08 2.53
N ARG C 86 25.54 -1.34 3.49
CA ARG C 86 25.33 -1.84 4.84
C ARG C 86 23.97 -2.51 4.93
N LEU C 87 23.90 -3.59 5.71
CA LEU C 87 22.65 -4.33 5.89
C LEU C 87 21.93 -3.80 7.12
N GLN C 88 21.29 -2.65 6.95
CA GLN C 88 20.45 -2.03 7.99
C GLN C 88 19.10 -1.73 7.35
N PRO C 89 18.22 -2.73 7.27
CA PRO C 89 16.99 -2.56 6.49
C PRO C 89 16.14 -1.40 6.95
N GLY C 90 16.16 -1.07 8.24
CA GLY C 90 15.33 0.00 8.76
C GLY C 90 16.02 1.33 8.94
N LEU C 91 17.33 1.41 8.73
CA LEU C 91 18.07 2.64 9.01
C LEU C 91 18.89 3.12 7.82
N ASP C 92 19.45 2.22 7.03
CA ASP C 92 20.27 2.63 5.90
C ASP C 92 19.43 3.35 4.86
N SER C 93 20.01 4.39 4.25
CA SER C 93 19.28 5.15 3.25
C SER C 93 18.83 4.29 2.09
N VAL C 94 19.57 3.23 1.78
CA VAL C 94 19.23 2.38 0.65
C VAL C 94 17.90 1.68 0.88
N PHE C 95 17.74 1.07 2.07
CA PHE C 95 16.54 0.32 2.39
C PHE C 95 15.50 1.15 3.13
N LYS C 96 15.78 2.41 3.41
CA LYS C 96 14.91 3.19 4.29
C LYS C 96 13.50 3.28 3.73
N HIS C 97 13.37 3.59 2.44
CA HIS C 97 12.08 3.90 1.83
C HIS C 97 11.55 2.78 0.96
N THR C 98 12.17 1.60 0.99
CA THR C 98 11.64 0.49 0.23
C THR C 98 10.34 -0.02 0.87
N LEU C 99 9.64 -0.88 0.13
CA LEU C 99 8.41 -1.44 0.64
C LEU C 99 8.63 -2.22 1.93
N LEU C 100 9.81 -2.78 2.13
CA LEU C 100 10.14 -3.47 3.36
C LEU C 100 10.57 -2.51 4.45
N GLY C 101 11.38 -1.50 4.12
CA GLY C 101 11.83 -0.56 5.12
C GLY C 101 10.68 0.22 5.73
N GLU C 102 9.68 0.56 4.92
CA GLU C 102 8.56 1.34 5.43
C GLU C 102 7.81 0.57 6.51
N ILE C 103 7.58 -0.72 6.30
CA ILE C 103 6.90 -1.53 7.31
C ILE C 103 7.73 -1.60 8.59
N LEU C 104 9.03 -1.84 8.45
CA LEU C 104 9.87 -1.98 9.63
C LEU C 104 9.87 -0.72 10.48
N ASN C 105 9.77 0.45 9.85
CA ASN C 105 9.86 1.69 10.60
C ASN C 105 8.69 1.90 11.54
N TYR C 106 7.64 1.09 11.42
CA TYR C 106 6.54 1.13 12.38
C TYR C 106 6.78 0.23 13.57
N TYR C 107 7.94 -0.40 13.66
CA TYR C 107 8.26 -1.34 14.73
C TYR C 107 9.63 -1.03 15.29
N ALA C 108 10.00 -1.74 16.36
CA ALA C 108 11.27 -1.55 17.02
C ALA C 108 12.22 -2.74 16.89
N HIS C 109 11.69 -3.96 16.88
CA HIS C 109 12.51 -5.16 16.77
C HIS C 109 12.14 -5.92 15.50
N TRP C 110 13.13 -6.63 14.95
CA TRP C 110 12.91 -7.46 13.77
C TRP C 110 13.85 -8.65 13.83
N SER C 111 13.47 -9.70 13.13
CA SER C 111 14.29 -10.90 13.05
C SER C 111 13.88 -11.69 11.81
N GLY C 112 14.77 -12.57 11.38
CA GLY C 112 14.54 -13.42 10.22
C GLY C 112 15.54 -13.14 9.11
N SER C 113 15.41 -13.91 8.05
CA SER C 113 16.29 -13.80 6.90
C SER C 113 15.69 -12.87 5.85
N MET C 114 16.49 -12.54 4.85
CA MET C 114 16.11 -11.60 3.80
C MET C 114 16.52 -12.16 2.45
N LYS C 115 15.82 -11.71 1.41
CA LYS C 115 16.12 -12.10 0.04
C LYS C 115 16.53 -10.88 -0.76
N LEU C 116 17.62 -10.99 -1.50
CA LEU C 116 18.05 -9.99 -2.46
C LEU C 116 18.09 -10.62 -3.84
N THR C 117 17.28 -10.11 -4.76
CA THR C 117 17.18 -10.65 -6.10
C THR C 117 17.74 -9.63 -7.10
N PHE C 118 18.62 -10.10 -7.96
CA PHE C 118 19.26 -9.26 -8.97
C PHE C 118 18.83 -9.72 -10.36
N VAL C 119 18.54 -8.76 -11.23
CA VAL C 119 18.11 -9.04 -12.59
C VAL C 119 19.02 -8.27 -13.54
N PHE C 120 19.49 -8.93 -14.58
CA PHE C 120 20.36 -8.33 -15.56
C PHE C 120 19.52 -7.79 -16.71
N CYS C 121 19.61 -6.49 -17.00
CA CYS C 121 18.78 -5.83 -18.03
C CYS C 121 19.65 -5.40 -19.20
N GLY C 122 20.69 -6.16 -19.56
CA GLY C 122 21.54 -5.87 -20.69
C GLY C 122 20.97 -6.46 -21.97
N SER C 123 21.84 -6.55 -22.97
CA SER C 123 21.44 -7.15 -24.24
C SER C 123 21.32 -8.67 -24.11
N ALA C 124 20.69 -9.28 -25.11
CA ALA C 124 20.55 -10.73 -25.10
C ALA C 124 21.86 -11.43 -25.44
N MET C 125 22.72 -10.77 -26.21
CA MET C 125 24.01 -11.35 -26.59
C MET C 125 25.09 -11.16 -25.54
N ALA C 126 24.87 -10.29 -24.55
CA ALA C 126 25.88 -10.06 -23.53
C ALA C 126 25.93 -11.23 -22.56
N THR C 127 27.08 -11.40 -21.92
CA THR C 127 27.28 -12.48 -20.97
C THR C 127 28.28 -12.03 -19.91
N GLY C 128 28.24 -12.70 -18.76
CA GLY C 128 29.16 -12.40 -17.69
C GLY C 128 28.85 -13.23 -16.47
N LYS C 129 29.75 -13.12 -15.49
CA LYS C 129 29.58 -13.77 -14.20
C LYS C 129 29.89 -12.78 -13.10
N PHE C 130 29.17 -12.90 -11.98
CA PHE C 130 29.34 -12.00 -10.86
C PHE C 130 29.38 -12.78 -9.57
N LEU C 131 30.12 -12.26 -8.59
CA LEU C 131 30.22 -12.84 -7.26
C LEU C 131 29.55 -11.90 -6.28
N ILE C 132 28.55 -12.41 -5.57
CA ILE C 132 27.80 -11.64 -4.58
C ILE C 132 28.02 -12.31 -3.23
N ALA C 133 28.52 -11.56 -2.26
CA ALA C 133 28.93 -12.11 -0.98
C ALA C 133 28.33 -11.29 0.15
N TYR C 134 27.99 -11.99 1.24
CA TYR C 134 27.49 -11.38 2.45
C TYR C 134 28.50 -11.63 3.56
N SER C 135 28.98 -10.56 4.17
CA SER C 135 30.00 -10.65 5.21
C SER C 135 29.38 -10.37 6.57
N PRO C 136 29.32 -11.34 7.48
CA PRO C 136 28.74 -11.07 8.80
C PRO C 136 29.50 -9.97 9.51
N PRO C 137 29.01 -9.52 10.66
CA PRO C 137 29.62 -8.37 11.33
C PRO C 137 31.09 -8.63 11.64
N GLY C 138 31.89 -7.57 11.55
CA GLY C 138 33.31 -7.69 11.82
C GLY C 138 33.91 -6.31 12.01
N ALA C 139 35.19 -6.29 12.32
CA ALA C 139 35.89 -5.05 12.57
C ALA C 139 36.16 -4.25 11.31
N ASN C 140 36.16 -4.90 10.14
CA ASN C 140 36.49 -4.21 8.90
C ASN C 140 35.69 -4.80 7.75
N PRO C 141 35.09 -3.98 6.88
CA PRO C 141 34.42 -4.54 5.71
C PRO C 141 35.43 -5.02 4.69
N PRO C 142 35.06 -5.95 3.83
CA PRO C 142 36.01 -6.47 2.83
C PRO C 142 36.45 -5.37 1.87
N LYS C 143 37.70 -5.47 1.40
CA LYS C 143 38.26 -4.52 0.47
C LYS C 143 38.57 -5.10 -0.90
N THR C 144 38.74 -6.42 -1.01
CA THR C 144 39.08 -7.07 -2.26
C THR C 144 38.24 -8.34 -2.39
N ARG C 145 38.22 -8.89 -3.60
CA ARG C 145 37.41 -10.09 -3.83
C ARG C 145 37.88 -11.25 -2.98
N LYS C 146 39.19 -11.38 -2.75
CA LYS C 146 39.70 -12.47 -1.94
C LYS C 146 39.15 -12.39 -0.52
N ASP C 147 39.06 -11.18 0.04
CA ASP C 147 38.45 -11.04 1.35
C ASP C 147 36.97 -11.38 1.31
N ALA C 148 36.26 -10.94 0.28
CA ALA C 148 34.82 -11.13 0.23
C ALA C 148 34.46 -12.61 0.09
N MET C 149 35.21 -13.36 -0.71
CA MET C 149 34.83 -14.73 -1.02
C MET C 149 34.89 -15.64 0.19
N LEU C 150 35.50 -15.20 1.30
CA LEU C 150 35.53 -16.04 2.49
C LEU C 150 34.17 -16.17 3.14
N GLY C 151 33.33 -15.15 3.08
CA GLY C 151 32.01 -15.20 3.66
C GLY C 151 31.01 -15.87 2.74
N THR C 152 29.76 -15.90 3.20
CA THR C 152 28.69 -16.49 2.39
C THR C 152 28.56 -15.74 1.08
N HIS C 153 28.48 -16.49 -0.02
CA HIS C 153 28.44 -15.88 -1.34
C HIS C 153 27.86 -16.88 -2.33
N ILE C 154 27.49 -16.38 -3.51
CA ILE C 154 26.98 -17.19 -4.60
C ILE C 154 27.56 -16.66 -5.91
N ILE C 155 27.94 -17.58 -6.79
CA ILE C 155 28.43 -17.21 -8.11
C ILE C 155 27.24 -17.17 -9.06
N TRP C 156 27.04 -16.03 -9.70
CA TRP C 156 25.89 -15.80 -10.57
C TRP C 156 26.33 -15.90 -12.02
N ASP C 157 25.65 -16.76 -12.78
CA ASP C 157 25.90 -16.93 -14.20
C ASP C 157 24.71 -16.36 -14.97
N ILE C 158 24.98 -15.47 -15.93
CA ILE C 158 23.95 -14.83 -16.72
C ILE C 158 23.65 -15.67 -17.95
N GLY C 159 22.39 -16.06 -18.11
CA GLY C 159 21.98 -16.86 -19.25
C GLY C 159 20.53 -16.63 -19.60
N LEU C 160 19.81 -17.70 -19.94
CA LEU C 160 18.39 -17.56 -20.22
C LEU C 160 17.64 -17.08 -18.98
N GLN C 161 17.95 -17.64 -17.82
CA GLN C 161 17.38 -17.16 -16.56
C GLN C 161 18.06 -15.86 -16.20
N SER C 162 17.29 -14.77 -16.19
CA SER C 162 17.87 -13.44 -16.03
C SER C 162 17.97 -12.98 -14.58
N SER C 163 17.55 -13.80 -13.62
CA SER C 163 17.51 -13.38 -12.22
C SER C 163 18.18 -14.41 -11.34
N CYS C 164 18.84 -13.91 -10.29
CA CYS C 164 19.47 -14.74 -9.28
C CYS C 164 19.10 -14.22 -7.90
N VAL C 165 19.00 -15.13 -6.94
CA VAL C 165 18.53 -14.81 -5.60
C VAL C 165 19.65 -15.10 -4.61
N LEU C 166 19.97 -14.11 -3.79
CA LEU C 166 20.90 -14.28 -2.68
C LEU C 166 20.10 -14.25 -1.39
N CYS C 167 20.04 -15.39 -0.68
CA CYS C 167 19.31 -15.50 0.60
C CYS C 167 20.26 -15.16 1.74
N VAL C 168 20.05 -14.05 2.43
CA VAL C 168 20.90 -13.63 3.55
C VAL C 168 20.45 -14.38 4.79
N PRO C 169 21.27 -15.28 5.33
CA PRO C 169 20.83 -16.05 6.50
C PRO C 169 20.79 -15.19 7.74
N TRP C 170 19.99 -15.62 8.71
CA TRP C 170 19.87 -14.92 9.99
C TRP C 170 20.95 -15.43 10.92
N ILE C 171 22.06 -14.71 10.97
CA ILE C 171 23.17 -15.03 11.87
C ILE C 171 23.28 -13.88 12.86
N SER C 172 22.86 -14.13 14.10
CA SER C 172 22.90 -13.10 15.13
C SER C 172 23.00 -13.77 16.50
N GLN C 173 23.58 -13.05 17.44
CA GLN C 173 23.69 -13.55 18.80
C GLN C 173 22.40 -13.42 19.59
N THR C 174 21.51 -12.53 19.18
CA THR C 174 20.24 -12.31 19.87
C THR C 174 19.08 -12.74 18.98
N HIS C 175 17.98 -13.12 19.61
CA HIS C 175 16.81 -13.53 18.86
C HIS C 175 16.25 -12.40 18.01
N TYR C 176 16.51 -11.15 18.40
CA TYR C 176 15.96 -10.00 17.72
C TYR C 176 17.03 -8.94 17.55
N ARG C 177 16.78 -8.02 16.62
CA ARG C 177 17.66 -6.88 16.37
C ARG C 177 16.84 -5.60 16.41
N LEU C 178 17.50 -4.51 16.78
CA LEU C 178 16.84 -3.22 16.83
C LEU C 178 16.73 -2.62 15.43
N VAL C 179 15.57 -2.04 15.14
CA VAL C 179 15.42 -1.32 13.88
C VAL C 179 16.37 -0.12 13.83
N GLN C 180 16.47 0.61 14.95
CA GLN C 180 17.45 1.68 15.08
C GLN C 180 18.80 1.06 15.45
N GLN C 181 19.38 0.39 14.46
CA GLN C 181 20.57 -0.43 14.72
C GLN C 181 21.73 0.42 15.20
N ASP C 182 22.52 -0.14 16.10
CA ASP C 182 23.74 0.46 16.64
C ASP C 182 24.91 -0.49 16.46
N GLU C 183 26.05 -0.13 17.07
CA GLU C 183 27.22 -0.99 16.97
C GLU C 183 26.98 -2.36 17.57
N TYR C 184 26.23 -2.43 18.67
CA TYR C 184 26.05 -3.70 19.36
C TYR C 184 25.33 -4.72 18.49
N THR C 185 24.34 -4.28 17.72
CA THR C 185 23.49 -5.18 16.93
C THR C 185 23.74 -5.02 15.44
N SER C 186 25.01 -4.87 15.04
CA SER C 186 25.32 -4.79 13.63
C SER C 186 24.87 -6.04 12.90
N ALA C 187 24.81 -5.95 11.57
CA ALA C 187 24.35 -7.06 10.74
C ALA C 187 25.31 -7.46 9.63
N GLY C 188 26.28 -6.64 9.30
CA GLY C 188 27.28 -6.98 8.31
C GLY C 188 27.22 -6.10 7.08
N TYR C 189 27.72 -6.65 5.97
CA TYR C 189 27.79 -5.93 4.71
C TYR C 189 27.47 -6.88 3.57
N VAL C 190 27.13 -6.28 2.42
CA VAL C 190 26.87 -7.02 1.18
C VAL C 190 27.62 -6.32 0.07
N THR C 191 28.33 -7.10 -0.75
CA THR C 191 29.13 -6.55 -1.84
C THR C 191 29.04 -7.46 -3.05
N CYS C 192 29.30 -6.88 -4.22
CA CYS C 192 29.29 -7.61 -5.49
C CYS C 192 30.56 -7.29 -6.25
N TRP C 193 31.15 -8.32 -6.87
CA TRP C 193 32.41 -8.20 -7.58
C TRP C 193 32.33 -8.89 -8.92
N TYR C 194 33.17 -8.44 -9.85
CA TYR C 194 33.28 -9.10 -11.14
C TYR C 194 33.91 -10.47 -10.96
N GLN C 195 33.26 -11.49 -11.49
CA GLN C 195 33.82 -12.84 -11.45
C GLN C 195 34.64 -13.14 -12.69
N THR C 196 34.13 -12.81 -13.87
CA THR C 196 34.82 -13.08 -15.12
C THR C 196 34.90 -11.83 -15.97
N GLY C 197 33.92 -10.96 -15.84
CA GLY C 197 33.81 -9.77 -16.68
C GLY C 197 32.73 -9.92 -17.73
N MET C 198 32.27 -8.78 -18.24
CA MET C 198 31.19 -8.75 -19.22
C MET C 198 31.79 -8.65 -20.61
N ILE C 199 31.35 -9.52 -21.51
CA ILE C 199 31.83 -9.58 -22.88
C ILE C 199 30.64 -9.39 -23.81
N VAL C 200 30.82 -8.57 -24.85
CA VAL C 200 29.75 -8.27 -25.79
C VAL C 200 30.26 -8.45 -27.21
N PRO C 201 29.41 -8.84 -28.16
CA PRO C 201 29.84 -8.94 -29.55
C PRO C 201 29.75 -7.60 -30.24
N PRO C 202 30.17 -7.52 -31.51
CA PRO C 202 30.09 -6.25 -32.22
C PRO C 202 28.64 -5.79 -32.39
N GLY C 203 28.46 -4.48 -32.45
CA GLY C 203 27.14 -3.92 -32.68
C GLY C 203 26.21 -3.97 -31.49
N THR C 204 26.72 -3.82 -30.29
CA THR C 204 25.92 -3.77 -29.07
C THR C 204 26.39 -2.62 -28.20
N PRO C 205 25.53 -2.13 -27.31
CA PRO C 205 25.95 -1.06 -26.40
C PRO C 205 27.09 -1.49 -25.51
N ASN C 206 27.94 -0.54 -25.15
CA ASN C 206 29.12 -0.80 -24.33
C ASN C 206 28.81 -0.78 -22.83
N SER C 207 27.57 -0.49 -22.44
CA SER C 207 27.21 -0.38 -21.04
C SER C 207 25.88 -1.09 -20.79
N SER C 208 25.69 -1.53 -19.55
CA SER C 208 24.48 -2.21 -19.13
C SER C 208 24.13 -1.77 -17.72
N SER C 209 23.01 -2.28 -17.22
CA SER C 209 22.53 -1.93 -15.90
C SER C 209 21.97 -3.17 -15.21
N ILE C 210 21.97 -3.12 -13.87
CA ILE C 210 21.40 -4.18 -13.05
C ILE C 210 20.47 -3.53 -12.04
N MET C 211 19.46 -4.29 -11.61
CA MET C 211 18.52 -3.84 -10.59
C MET C 211 18.45 -4.86 -9.48
N CYS C 212 18.13 -4.39 -8.28
CA CYS C 212 18.05 -5.22 -7.09
C CYS C 212 16.66 -5.15 -6.49
N PHE C 213 16.18 -6.26 -5.96
CA PHE C 213 14.89 -6.36 -5.30
C PHE C 213 15.09 -6.89 -3.89
N ALA C 214 14.35 -6.33 -2.93
CA ALA C 214 14.46 -6.71 -1.53
C ALA C 214 13.12 -7.20 -1.03
N SER C 215 13.16 -8.25 -0.21
CA SER C 215 11.95 -8.81 0.37
C SER C 215 12.35 -9.70 1.55
N ALA C 216 11.36 -10.08 2.33
CA ALA C 216 11.56 -10.90 3.52
C ALA C 216 11.19 -12.34 3.24
N CYS C 217 11.86 -13.26 3.95
CA CYS C 217 11.58 -14.70 3.82
C CYS C 217 10.33 -15.03 4.64
N ASN C 218 10.00 -16.31 4.76
CA ASN C 218 8.80 -16.75 5.47
C ASN C 218 9.01 -16.85 6.97
N ASP C 219 10.24 -16.66 7.47
CA ASP C 219 10.51 -16.69 8.89
C ASP C 219 10.72 -15.30 9.48
N PHE C 220 10.42 -14.25 8.73
CA PHE C 220 10.59 -12.88 9.20
C PHE C 220 9.49 -12.53 10.19
N SER C 221 9.77 -11.60 11.11
CA SER C 221 8.79 -11.16 12.13
C SER C 221 9.19 -9.77 12.64
N VAL C 222 8.26 -9.06 13.27
CA VAL C 222 8.53 -7.73 13.86
C VAL C 222 7.85 -7.69 15.22
N ARG C 223 8.19 -6.76 16.10
CA ARG C 223 7.49 -6.64 17.40
C ARG C 223 7.69 -5.24 17.97
N MET C 224 6.97 -4.89 19.02
CA MET C 224 6.98 -3.53 19.65
C MET C 224 6.60 -2.47 18.63
N LEU C 225 5.31 -2.21 18.46
CA LEU C 225 4.83 -1.17 17.52
C LEU C 225 5.32 0.19 17.99
N ARG C 226 5.71 1.07 17.07
CA ARG C 226 6.19 2.44 17.39
C ARG C 226 5.71 3.39 16.31
N ASP C 227 5.79 4.69 16.53
CA ASP C 227 5.38 5.71 15.56
C ASP C 227 6.54 6.06 14.64
N THR C 228 6.28 6.03 13.34
CA THR C 228 7.31 6.25 12.34
C THR C 228 7.81 7.69 12.38
N PRO C 229 9.09 7.94 12.09
CA PRO C 229 9.62 9.30 12.09
C PRO C 229 9.65 9.98 10.72
N PHE C 230 9.18 9.33 9.67
CA PHE C 230 9.30 9.89 8.33
C PHE C 230 8.27 10.97 8.03
N ILE C 231 7.18 11.02 8.77
CA ILE C 231 6.08 11.93 8.48
C ILE C 231 5.89 12.86 9.67
N SER C 232 5.73 14.15 9.39
CA SER C 232 5.58 15.14 10.44
C SER C 232 4.83 16.34 9.90
N GLN C 233 4.24 17.10 10.82
CA GLN C 233 3.50 18.31 10.48
C GLN C 233 3.78 19.38 11.51
N ASP C 234 3.62 20.64 11.10
CA ASP C 234 3.82 21.77 11.99
C ASP C 234 2.52 22.50 12.34
N ASN C 235 1.51 22.43 11.49
CA ASN C 235 0.25 23.10 11.73
C ASN C 235 -0.89 22.20 11.27
N LYS C 236 -2.07 22.43 11.84
CA LYS C 236 -3.24 21.65 11.45
C LYS C 236 -3.57 21.90 9.99
N LEU C 237 -3.91 20.83 9.28
CA LEU C 237 -4.18 20.92 7.85
C LEU C 237 -5.50 21.64 7.59
N GLY D 1 -23.42 -17.79 30.49
CA GLY D 1 -22.99 -17.40 29.16
C GLY D 1 -21.61 -16.78 29.17
N ALA D 2 -20.64 -17.51 29.69
CA ALA D 2 -19.28 -17.03 29.84
C ALA D 2 -18.35 -17.83 28.93
N GLN D 3 -17.47 -17.12 28.23
CA GLN D 3 -16.48 -17.75 27.36
C GLN D 3 -15.15 -17.85 28.09
N VAL D 4 -14.52 -19.03 27.98
CA VAL D 4 -13.22 -19.29 28.57
C VAL D 4 -12.25 -19.62 27.46
N SER D 5 -11.12 -18.91 27.42
CA SER D 5 -10.15 -19.13 26.36
C SER D 5 -8.75 -18.82 26.90
N THR D 6 -7.76 -19.38 26.22
CA THR D 6 -6.38 -19.21 26.62
C THR D 6 -5.90 -17.80 26.31
N GLN D 7 -4.82 -17.40 27.00
CA GLN D 7 -4.22 -16.05 26.88
C GLN D 7 -2.79 -16.20 26.35
N LYS D 8 -2.20 -15.14 25.81
CA LYS D 8 -0.84 -15.18 25.22
C LYS D 8 0.18 -15.43 26.33
N THR D 9 1.13 -16.32 26.10
CA THR D 9 2.18 -16.67 27.09
C THR D 9 3.50 -16.88 26.34
N GLY D 10 4.23 -17.96 26.62
CA GLY D 10 5.54 -18.20 25.98
C GLY D 10 5.60 -19.64 25.47
N ALA D 11 6.63 -19.99 24.69
CA ALA D 11 6.77 -21.33 24.09
C ALA D 11 7.00 -22.39 25.18
N HIS D 12 8.18 -22.39 25.80
CA HIS D 12 8.53 -23.42 26.81
C HIS D 12 7.67 -23.23 28.06
N GLU D 13 7.72 -22.06 28.69
CA GLU D 13 6.96 -21.76 29.93
C GLU D 13 6.34 -20.36 29.80
N ILE D 24 -3.69 -19.80 33.04
CA ILE D 24 -3.57 -19.36 31.66
C ILE D 24 -4.93 -19.36 30.97
N HIS D 25 -5.96 -18.99 31.72
CA HIS D 25 -7.31 -18.88 31.21
C HIS D 25 -7.92 -17.57 31.68
N TYR D 26 -8.78 -16.99 30.87
CA TYR D 26 -9.51 -15.79 31.26
C TYR D 26 -10.96 -15.93 30.81
N THR D 27 -11.85 -15.26 31.54
CA THR D 27 -13.28 -15.34 31.30
C THR D 27 -13.76 -14.02 30.71
N ASN D 28 -14.72 -14.10 29.80
CA ASN D 28 -15.28 -12.92 29.17
C ASN D 28 -16.80 -13.05 29.12
N ILE D 29 -17.48 -11.94 29.38
CA ILE D 29 -18.94 -11.89 29.34
C ILE D 29 -19.34 -10.59 28.66
N ASN D 30 -20.37 -10.66 27.82
CA ASN D 30 -20.87 -9.51 27.09
C ASN D 30 -22.06 -8.91 27.84
N TYR D 31 -22.04 -7.59 28.01
CA TYR D 31 -23.08 -6.91 28.79
C TYR D 31 -24.06 -6.12 27.94
N TYR D 32 -23.75 -5.84 26.69
CA TYR D 32 -24.57 -5.00 25.83
C TYR D 32 -25.18 -5.82 24.70
N LYS D 33 -26.29 -5.33 24.16
CA LYS D 33 -27.08 -6.07 23.16
C LYS D 33 -26.54 -5.83 21.75
N ASP D 34 -25.57 -4.94 21.56
CA ASP D 34 -25.04 -4.62 20.25
C ASP D 34 -23.66 -5.24 20.10
N ALA D 35 -23.46 -6.01 19.04
CA ALA D 35 -22.17 -6.65 18.81
C ALA D 35 -21.05 -5.64 18.64
N ALA D 36 -21.36 -4.41 18.24
CA ALA D 36 -20.34 -3.40 18.10
C ALA D 36 -19.72 -3.01 19.44
N SER D 37 -20.37 -3.35 20.55
CA SER D 37 -19.87 -2.99 21.86
C SER D 37 -18.81 -3.96 22.38
N ASN D 38 -18.67 -5.13 21.76
CA ASN D 38 -17.72 -6.12 22.24
C ASN D 38 -16.30 -5.57 22.17
N SER D 39 -15.38 -6.29 22.80
CA SER D 39 -13.97 -5.92 22.77
C SER D 39 -13.30 -6.44 21.50
N ALA D 40 -12.13 -5.90 21.21
CA ALA D 40 -11.42 -6.27 20.00
C ALA D 40 -11.10 -7.75 20.00
N ASN D 41 -11.28 -8.38 18.84
CA ASN D 41 -10.98 -9.81 18.67
C ASN D 41 -9.59 -10.00 18.06
N ARG D 42 -8.59 -9.61 18.83
CA ARG D 42 -7.20 -9.60 18.39
C ARG D 42 -6.49 -10.93 18.62
N GLN D 43 -7.23 -12.04 18.68
CA GLN D 43 -6.65 -13.35 18.92
C GLN D 43 -6.55 -14.21 17.67
N ASP D 44 -6.81 -13.65 16.50
CA ASP D 44 -6.75 -14.40 15.25
C ASP D 44 -5.40 -14.19 14.59
N PHE D 45 -4.80 -15.28 14.09
CA PHE D 45 -3.46 -15.25 13.55
C PHE D 45 -3.36 -16.01 12.23
N THR D 46 -4.47 -16.16 11.52
CA THR D 46 -4.43 -16.81 10.22
C THR D 46 -3.96 -15.84 9.15
N GLN D 47 -3.20 -16.37 8.19
CA GLN D 47 -2.64 -15.54 7.13
C GLN D 47 -2.22 -16.41 5.96
N ASP D 48 -2.22 -15.81 4.77
CA ASP D 48 -1.88 -16.53 3.54
C ASP D 48 -1.28 -15.53 2.55
N PRO D 49 0.04 -15.57 2.34
CA PRO D 49 0.67 -14.59 1.46
C PRO D 49 0.70 -15.00 -0.01
N SER D 50 0.22 -16.20 -0.35
CA SER D 50 0.27 -16.64 -1.75
C SER D 50 -0.51 -15.71 -2.66
N LYS D 51 -1.49 -14.98 -2.12
CA LYS D 51 -2.34 -14.06 -2.93
C LYS D 51 -1.44 -13.02 -3.59
N PHE D 52 -0.48 -12.45 -2.87
CA PHE D 52 0.37 -11.38 -3.39
C PHE D 52 1.71 -11.86 -3.89
N THR D 53 2.19 -13.02 -3.45
CA THR D 53 3.50 -13.51 -3.87
C THR D 53 3.43 -14.47 -5.04
N GLU D 54 2.31 -15.16 -5.22
CA GLU D 54 2.14 -16.13 -6.30
C GLU D 54 0.83 -15.86 -7.04
N PRO D 55 0.72 -14.70 -7.70
CA PRO D 55 -0.49 -14.39 -8.45
C PRO D 55 -0.52 -14.95 -9.86
N VAL D 56 0.38 -15.88 -10.19
CA VAL D 56 0.45 -16.41 -11.54
C VAL D 56 -0.67 -17.42 -11.77
N LYS D 57 -0.91 -17.73 -13.04
CA LYS D 57 -1.93 -18.72 -13.40
C LYS D 57 -1.39 -20.14 -13.28
N ASP D 58 -0.26 -20.40 -13.92
CA ASP D 58 0.35 -21.73 -13.87
C ASP D 58 1.28 -21.83 -12.69
N VAL D 59 1.12 -22.88 -11.88
CA VAL D 59 1.96 -23.07 -10.71
C VAL D 59 3.39 -23.34 -11.15
N MET D 60 4.34 -22.67 -10.52
CA MET D 60 5.75 -22.83 -10.81
C MET D 60 6.44 -23.53 -9.65
N ILE D 61 7.18 -24.59 -9.97
CA ILE D 61 7.95 -25.32 -8.97
C ILE D 61 9.26 -24.60 -8.76
N LYS D 62 9.62 -24.37 -7.49
CA LYS D 62 10.83 -23.60 -7.19
C LYS D 62 12.07 -24.30 -7.73
N SER D 63 12.14 -25.62 -7.59
CA SER D 63 13.31 -26.35 -8.06
C SER D 63 13.46 -26.28 -9.58
N LEU D 64 12.38 -26.39 -10.32
CA LEU D 64 12.45 -26.40 -11.78
C LEU D 64 12.80 -25.02 -12.30
N PRO D 65 13.34 -24.93 -13.52
CA PRO D 65 13.63 -23.61 -14.10
C PRO D 65 12.36 -22.81 -14.26
N ALA D 66 12.48 -21.49 -14.11
CA ALA D 66 11.32 -20.62 -14.21
C ALA D 66 10.68 -20.70 -15.60
N LEU D 67 11.50 -20.72 -16.64
CA LEU D 67 11.00 -20.73 -18.01
C LEU D 67 11.62 -21.90 -18.78
C1 A1IBS E . -12.61 8.79 6.07
N1 A1IBS E . -12.77 7.88 7.21
C2 A1IBS E . -13.71 6.84 6.79
C3 A1IBS E . -14.02 5.92 7.97
N2 A1IBS E . -14.67 6.68 9.04
C4 A1IBS E . -14.82 5.77 10.18
C5 A1IBS E . -15.70 6.42 11.23
C6 A1IBS E . -17.08 6.22 11.18
C7 A1IBS E . -17.89 6.82 12.14
C8 A1IBS E . -17.32 7.59 13.14
N3 A1IBS E . -18.14 8.19 14.10
C9 A1IBS E . -17.54 9.01 15.15
C10 A1IBS E . -18.63 9.54 16.07
C11 A1IBS E . -18.80 8.99 17.31
C12 A1IBS E . -19.80 9.46 18.15
C13 A1IBS E . -20.62 10.49 17.72
C14 A1IBS E . -20.44 11.04 16.47
C15 A1IBS E . -19.44 10.57 15.64
F1 A1IBS E . -19.27 11.11 14.41
C16 A1IBS E . -15.95 7.78 13.17
C17 A1IBS E . -15.14 7.19 12.22
C18 A1IBS E . -13.72 7.72 9.46
C19 A1IBS E . -13.42 8.65 8.27
H2 A1IBS E . -11.91 9.59 6.34
H1 A1IBS E . -13.58 9.23 5.82
H3 A1IBS E . -12.22 8.24 5.21
H4 A1IBS E . -14.64 7.31 6.45
H5 A1IBS E . -13.28 6.26 5.98
H6 A1IBS E . -14.68 5.12 7.64
H7 A1IBS E . -13.09 5.49 8.35
H8 A1IBS E . -15.28 4.84 9.84
H9 A1IBS E . -13.85 5.56 10.61
H10 A1IBS E . -17.52 5.62 10.40
H11 A1IBS E . -18.95 6.67 12.10
H12 A1IBS E . -19.09 8.06 14.08
H13 A1IBS E . -16.84 8.41 15.74
H14 A1IBS E . -17.01 9.85 14.70
H15 A1IBS E . -18.16 8.18 17.65
H16 A1IBS E . -19.93 9.03 19.13
H17 A1IBS E . -21.40 10.86 18.37
H18 A1IBS E . -21.09 11.84 16.13
H19 A1IBS E . -15.50 8.39 13.95
H20 A1IBS E . -14.07 7.33 12.25
H22 A1IBS E . -12.80 7.26 9.80
H21 A1IBS E . -14.16 8.31 10.27
H23 A1IBS E . -12.76 9.45 8.61
H24 A1IBS E . -14.35 9.08 7.90
#